data_9FQT
#
_entry.id   9FQT
#
_cell.length_a   1.00
_cell.length_b   1.00
_cell.length_c   1.00
_cell.angle_alpha   90.00
_cell.angle_beta   90.00
_cell.angle_gamma   90.00
#
_symmetry.space_group_name_H-M   'P 1'
#
loop_
_entity.id
_entity.type
_entity.pdbx_description
1 polymer 'High affinity cationic amino acid transporter 1,Green fluorescent protein'
2 polymer 'Surface protein'
3 branched alpha-D-mannopyranose-(1-3)-beta-D-mannopyranose-(1-4)-2-acetamido-2-deoxy-beta-D-glucopyranose-(1-4)-[alpha-L-fucopyranose-(1-6)]2-acetamido-2-deoxy-beta-D-glucopyranose
4 branched 2-acetamido-2-deoxy-beta-D-glucopyranose-(1-4)-2-acetamido-2-deoxy-beta-D-glucopyranose
5 non-polymer 2-acetamido-2-deoxy-beta-D-glucopyranose
6 non-polymer 'CHOLESTEROL HEMISUCCINATE'
#
loop_
_entity_poly.entity_id
_entity_poly.type
_entity_poly.pdbx_seq_one_letter_code
_entity_poly.pdbx_strand_id
1 'polypeptide(L)'
;MLRRKVVDCSREESRLSRCLNTYDLVALGVGSTLGAGVYVLAGAVARENAGPAIVISFLIAALASVLAGLCYGEFGARVP
KTGSAYLYSYVTVGELWAFITGWNLILSYIIGTSSVARAWSATFDELIGKPIGEFSRQHMALNAPGVLAQTPDIFAVIII
IILTGLLTLGVKESAMVNKIFTCINVLVLCFIVVSGFVKGSIKNWQLTEKNFSCNNNDTNVKYGEGGFMPFGFSGVLSGA
ATCFYAFVGFDCIATTGEEVKNPQKAIPVGIVASLLICFIAYFGVSAALTLMMPYFCLDIDSPLPGAFKHQGWEEAKYAV
AIGSLCALSTSLLGSMFPMPRVIYAMAEDGLLFKFLAKINNRTKTPVIATVTSGAIAAVMAFLFELKDLVDLMSIGTLLA
YSLVAACVLVLRYQPEQPNLVYQMARTTEELDRVDQNELVSASESQTGFLPVAEKFSLKSILSPKNVEPSKFSGLIVNIS
AGLLAALIITVCIVAVLGREALAEGTLWAVFVMTGSVLLCMLVTGIIWRQPESKTKLSFKVPFVPVLPVLSIFVNIYLMM
QLDQGTWVRFAVWMLIGFTIYFGYGIWHSEEASLAAGQAKTPDSNLDQCKAENLYFQSGSAVSKGEELFTGVVPILVELD
GDVNGHKFSVSGEGEGDATYGKLTLKFICTTGKLPVPWPTLVTTLTYGVQCFSRYPDHMKQHDFFKSAMPEGYVQERTIF
FKDDGNYKTRAEVKFEGDTLVNRIELKGIDFKEDGNILGHKLEYNYNSHNVYIMADKQKNGIKVNFKIRHNIEDGSVQLA
DHYQQNTPIGDGPVLLPDNHYLSTQSKLSKDPNEKRDHMVLLEFVTAAGITLGMDELYKSGLRSWSHPQFEKGGGSGGGS
GGSAWSHPQFEKHHHHHHHHHH
;
A
2 'polypeptide(L)'
;MGILPSPGMPALLSLVSLLSVLLMGCVAETGAAPGSSPHQVYNITWEVTNGDRETVWAISGNHPLWTWWPVLTPDLCMLA
LSGPPHWGLEYQAPYSSPPGPPCCSGSSGSSAGCSRDCDEPLTSLTPRCNTAWNRLKLDQVTHKSSEGFYVCPGSHRPRE
AKSCGGPDSFYCASWGCETTGRVYWKPSSSWDYITVDNNLTTSQAVQVCKDNKWCNPLAIQFTNAGKQVTSWTTGHYWGL
RLYVSGRDPGLTFGIRLRYQNLGPRVPGTKHHHHHH
;
B
#
loop_
_chem_comp.id
_chem_comp.type
_chem_comp.name
_chem_comp.formula
BMA D-saccharide, beta linking beta-D-mannopyranose 'C6 H12 O6'
FUC L-saccharide, alpha linking alpha-L-fucopyranose 'C6 H12 O5'
MAN D-saccharide, alpha linking alpha-D-mannopyranose 'C6 H12 O6'
NAG D-saccharide, beta linking 2-acetamido-2-deoxy-beta-D-glucopyranose 'C8 H15 N O6'
Y01 non-polymer 'CHOLESTEROL HEMISUCCINATE' 'C31 H50 O4'
#
# COMPACT_ATOMS: atom_id res chain seq x y z
N ASN A 21 19.50 27.54 17.57
CA ASN A 21 19.82 27.32 16.16
C ASN A 21 19.26 25.98 15.68
N THR A 22 19.38 24.96 16.54
CA THR A 22 18.72 23.70 16.27
C THR A 22 17.21 23.88 16.16
N TYR A 23 16.65 24.74 17.01
CA TYR A 23 15.22 25.05 16.93
C TYR A 23 14.88 25.63 15.56
N ASP A 24 15.74 26.53 15.07
CA ASP A 24 15.53 27.11 13.75
C ASP A 24 15.61 26.05 12.66
N LEU A 25 16.50 25.07 12.82
CA LEU A 25 16.61 24.02 11.82
C LEU A 25 15.33 23.20 11.76
N VAL A 26 14.79 22.80 12.92
CA VAL A 26 13.57 22.00 12.92
C VAL A 26 12.40 22.83 12.39
N ALA A 27 12.36 24.13 12.72
CA ALA A 27 11.31 24.97 12.18
C ALA A 27 11.41 25.04 10.66
N LEU A 28 12.61 25.20 10.13
CA LEU A 28 12.80 25.24 8.68
C LEU A 28 12.30 23.94 8.06
N GLY A 29 12.58 22.81 8.71
CA GLY A 29 12.15 21.54 8.17
C GLY A 29 10.64 21.41 8.13
N VAL A 30 9.98 21.70 9.26
CA VAL A 30 8.52 21.57 9.29
C VAL A 30 7.89 22.51 8.27
N GLY A 31 8.42 23.73 8.14
CA GLY A 31 7.88 24.65 7.16
C GLY A 31 8.05 24.16 5.74
N SER A 32 9.25 23.67 5.41
CA SER A 32 9.51 23.23 4.04
C SER A 32 8.67 22.02 3.67
N THR A 33 8.50 21.07 4.60
CA THR A 33 7.73 19.89 4.29
C THR A 33 6.29 20.27 3.97
N LEU A 34 5.74 19.67 2.92
CA LEU A 34 4.40 20.04 2.47
C LEU A 34 3.37 19.76 3.56
N GLY A 35 2.50 20.74 3.78
CA GLY A 35 1.43 20.60 4.77
C GLY A 35 0.11 20.20 4.15
N ALA A 36 0.05 20.17 2.82
CA ALA A 36 -1.16 19.82 2.10
C ALA A 36 -1.21 18.33 1.73
N GLY A 37 -0.19 17.56 2.10
CA GLY A 37 -0.17 16.16 1.71
C GLY A 37 -1.32 15.36 2.29
N VAL A 38 -1.65 15.61 3.56
CA VAL A 38 -2.67 14.80 4.21
C VAL A 38 -4.07 15.14 3.68
N TYR A 39 -4.32 16.39 3.30
CA TYR A 39 -5.67 16.79 2.91
C TYR A 39 -6.14 16.04 1.68
N VAL A 40 -5.24 15.77 0.73
CA VAL A 40 -5.57 15.10 -0.51
C VAL A 40 -5.27 13.61 -0.45
N LEU A 41 -4.22 13.25 0.27
CA LEU A 41 -3.76 11.86 0.30
C LEU A 41 -4.53 11.01 1.30
N ALA A 42 -4.88 11.59 2.45
CA ALA A 42 -5.46 10.79 3.52
C ALA A 42 -6.68 10.04 3.02
N GLY A 43 -7.58 10.73 2.31
CA GLY A 43 -8.77 10.06 1.82
C GLY A 43 -8.46 8.97 0.81
N ALA A 44 -7.58 9.28 -0.15
CA ALA A 44 -7.31 8.32 -1.21
C ALA A 44 -6.68 7.05 -0.66
N VAL A 45 -5.70 7.19 0.24
CA VAL A 45 -5.09 6.01 0.87
C VAL A 45 -6.11 5.29 1.74
N ALA A 46 -6.70 6.02 2.70
CA ALA A 46 -7.57 5.38 3.68
C ALA A 46 -8.78 4.72 3.03
N ARG A 47 -9.12 5.07 1.80
CA ARG A 47 -10.22 4.40 1.11
C ARG A 47 -9.76 3.33 0.13
N GLU A 48 -8.64 3.52 -0.57
CA GLU A 48 -8.25 2.62 -1.65
C GLU A 48 -7.16 1.62 -1.26
N ASN A 49 -6.18 2.04 -0.46
CA ASN A 49 -5.03 1.18 -0.16
C ASN A 49 -5.05 0.69 1.27
N ALA A 50 -5.13 1.59 2.25
CA ALA A 50 -5.25 1.23 3.65
C ALA A 50 -6.62 1.67 4.16
N GLY A 51 -6.90 1.30 5.41
CA GLY A 51 -8.06 1.79 6.11
C GLY A 51 -7.63 2.75 7.20
N PRO A 52 -8.11 2.53 8.43
CA PRO A 52 -7.50 3.23 9.57
C PRO A 52 -6.03 2.89 9.75
N ALA A 53 -5.58 1.77 9.21
CA ALA A 53 -4.17 1.40 9.25
C ALA A 53 -3.30 2.36 8.45
N ILE A 54 -3.92 3.36 7.81
CA ILE A 54 -3.15 4.46 7.25
C ILE A 54 -2.33 5.14 8.34
N VAL A 55 -2.83 5.12 9.58
CA VAL A 55 -2.06 5.67 10.69
C VAL A 55 -0.67 5.03 10.72
N ILE A 56 -0.59 3.75 10.38
CA ILE A 56 0.69 3.07 10.32
C ILE A 56 1.39 3.34 8.99
N SER A 57 0.63 3.47 7.90
CA SER A 57 1.24 3.78 6.61
C SER A 57 2.05 5.07 6.68
N PHE A 58 1.53 6.08 7.40
CA PHE A 58 2.27 7.32 7.57
C PHE A 58 3.55 7.10 8.36
N LEU A 59 3.55 6.17 9.32
CA LEU A 59 4.72 5.95 10.14
C LEU A 59 5.87 5.38 9.30
N ILE A 60 5.61 4.31 8.55
CA ILE A 60 6.66 3.71 7.73
C ILE A 60 7.20 4.74 6.75
N ALA A 61 6.30 5.44 6.06
CA ALA A 61 6.74 6.48 5.12
C ALA A 61 7.60 7.52 5.82
N ALA A 62 7.31 7.81 7.09
CA ALA A 62 8.17 8.71 7.85
C ALA A 62 9.57 8.13 7.98
N LEU A 63 9.66 6.88 8.45
CA LEU A 63 10.96 6.27 8.67
C LEU A 63 11.74 6.18 7.37
N ALA A 64 11.08 5.70 6.30
CA ALA A 64 11.71 5.67 4.99
C ALA A 64 12.26 7.05 4.62
N SER A 65 11.52 8.10 4.94
CA SER A 65 11.99 9.45 4.64
C SER A 65 13.20 9.81 5.50
N VAL A 66 13.17 9.42 6.78
CA VAL A 66 14.26 9.82 7.69
C VAL A 66 15.58 9.29 7.17
N LEU A 67 15.61 8.00 6.81
CA LEU A 67 16.82 7.42 6.25
C LEU A 67 17.33 8.23 5.06
N ALA A 68 16.40 8.70 4.22
CA ALA A 68 16.82 9.54 3.10
C ALA A 68 17.38 10.86 3.60
N GLY A 69 16.69 11.52 4.54
CA GLY A 69 17.11 12.84 4.96
C GLY A 69 18.54 12.85 5.48
N LEU A 70 18.87 11.88 6.33
CA LEU A 70 20.23 11.82 6.85
C LEU A 70 21.24 11.75 5.72
N CYS A 71 20.96 10.94 4.69
CA CYS A 71 21.87 10.87 3.56
C CYS A 71 22.01 12.23 2.90
N TYR A 72 20.90 12.96 2.73
CA TYR A 72 20.98 14.29 2.16
C TYR A 72 21.90 15.16 3.01
N GLY A 73 21.84 15.01 4.33
CA GLY A 73 22.73 15.78 5.18
C GLY A 73 24.17 15.63 4.77
N GLU A 74 24.58 14.40 4.46
CA GLU A 74 25.95 14.19 3.98
C GLU A 74 26.10 14.68 2.55
N PHE A 75 25.09 14.45 1.71
CA PHE A 75 25.22 14.82 0.31
C PHE A 75 25.39 16.33 0.16
N GLY A 76 24.52 17.10 0.82
CA GLY A 76 24.69 18.54 0.84
C GLY A 76 25.95 18.98 1.56
N ALA A 77 26.50 18.11 2.43
CA ALA A 77 27.79 18.40 3.05
C ALA A 77 28.94 18.19 2.09
N ARG A 78 28.76 17.37 1.05
CA ARG A 78 29.84 17.10 0.11
C ARG A 78 30.04 18.22 -0.89
N VAL A 79 29.06 19.10 -1.06
CA VAL A 79 29.13 20.22 -1.99
C VAL A 79 28.94 21.51 -1.21
N PRO A 80 29.93 22.40 -1.16
CA PRO A 80 29.73 23.66 -0.42
C PRO A 80 28.63 24.52 -0.99
N LYS A 81 28.46 24.55 -2.31
CA LYS A 81 27.38 25.32 -2.92
C LYS A 81 26.05 24.59 -2.72
N THR A 82 25.09 25.27 -2.11
CA THR A 82 23.77 24.69 -1.93
C THR A 82 23.01 24.65 -3.25
N GLY A 83 22.15 23.65 -3.37
CA GLY A 83 21.38 23.47 -4.59
C GLY A 83 20.51 22.24 -4.49
N SER A 84 20.17 21.69 -5.65
CA SER A 84 19.38 20.47 -5.74
C SER A 84 20.31 19.26 -5.86
N ALA A 85 19.72 18.07 -5.69
CA ALA A 85 20.49 16.85 -5.87
C ALA A 85 21.09 16.75 -7.26
N TYR A 86 20.49 17.43 -8.24
CA TYR A 86 21.09 17.50 -9.57
C TYR A 86 22.47 18.13 -9.53
N LEU A 87 22.59 19.31 -8.93
CA LEU A 87 23.89 19.99 -8.91
C LEU A 87 24.91 19.16 -8.14
N TYR A 88 24.50 18.60 -7.00
CA TYR A 88 25.41 17.77 -6.22
C TYR A 88 25.89 16.58 -7.03
N SER A 89 24.98 15.89 -7.71
CA SER A 89 25.37 14.75 -8.53
C SER A 89 26.31 15.17 -9.64
N TYR A 90 26.02 16.30 -10.29
CA TYR A 90 26.84 16.73 -11.41
C TYR A 90 28.26 17.06 -10.96
N VAL A 91 28.39 17.73 -9.80
CA VAL A 91 29.72 18.09 -9.33
C VAL A 91 30.47 16.86 -8.82
N THR A 92 29.78 15.94 -8.14
CA THR A 92 30.44 14.82 -7.48
C THR A 92 30.54 13.56 -8.36
N VAL A 93 29.44 13.13 -8.96
CA VAL A 93 29.35 11.78 -9.51
C VAL A 93 29.36 11.74 -11.04
N GLY A 94 28.91 12.78 -11.73
CA GLY A 94 29.07 12.88 -13.17
C GLY A 94 27.77 13.09 -13.91
N GLU A 95 27.91 13.09 -15.24
CA GLU A 95 26.84 13.58 -16.12
C GLU A 95 25.60 12.68 -16.08
N LEU A 96 25.77 11.38 -16.31
CA LEU A 96 24.61 10.50 -16.45
C LEU A 96 23.79 10.42 -15.16
N TRP A 97 24.48 10.27 -14.03
CA TRP A 97 23.78 10.12 -12.77
C TRP A 97 23.02 11.40 -12.45
N ALA A 98 23.65 12.55 -12.69
CA ALA A 98 23.01 13.84 -12.48
C ALA A 98 21.82 14.03 -13.41
N PHE A 99 21.95 13.61 -14.67
CA PHE A 99 20.82 13.69 -15.59
C PHE A 99 19.64 12.88 -15.07
N ILE A 100 19.90 11.64 -14.63
CA ILE A 100 18.80 10.81 -14.14
C ILE A 100 18.16 11.45 -12.91
N THR A 101 18.98 11.96 -11.99
CA THR A 101 18.43 12.60 -10.80
C THR A 101 17.60 13.83 -11.16
N GLY A 102 18.13 14.67 -12.05
CA GLY A 102 17.40 15.86 -12.45
C GLY A 102 16.12 15.56 -13.18
N TRP A 103 16.12 14.50 -14.00
CA TRP A 103 14.91 14.10 -14.72
C TRP A 103 13.87 13.57 -13.75
N ASN A 104 14.29 12.78 -12.76
CA ASN A 104 13.37 12.34 -11.72
C ASN A 104 12.82 13.53 -10.94
N LEU A 105 13.67 14.51 -10.65
CA LEU A 105 13.23 15.71 -9.94
C LEU A 105 12.25 16.52 -10.80
N ILE A 106 12.48 16.58 -12.11
CA ILE A 106 11.53 17.24 -13.02
C ILE A 106 10.19 16.55 -12.96
N LEU A 107 10.18 15.22 -13.00
CA LEU A 107 8.92 14.50 -12.88
C LEU A 107 8.27 14.79 -11.54
N SER A 108 9.05 14.79 -10.46
CA SER A 108 8.49 15.04 -9.14
C SER A 108 7.78 16.38 -9.10
N TYR A 109 8.47 17.43 -9.57
CA TYR A 109 7.86 18.77 -9.52
C TYR A 109 6.65 18.87 -10.44
N ILE A 110 6.77 18.37 -11.67
CA ILE A 110 5.67 18.49 -12.62
C ILE A 110 4.44 17.76 -12.10
N ILE A 111 4.63 16.53 -11.62
CA ILE A 111 3.50 15.71 -11.20
C ILE A 111 2.98 16.14 -9.83
N GLY A 112 3.81 16.78 -9.00
CA GLY A 112 3.33 17.35 -7.77
C GLY A 112 2.46 18.56 -8.04
N THR A 113 2.87 19.39 -9.00
CA THR A 113 2.00 20.49 -9.42
C THR A 113 0.68 19.94 -9.91
N SER A 114 0.72 18.90 -10.74
CA SER A 114 -0.52 18.33 -11.27
C SER A 114 -1.41 17.80 -10.14
N SER A 115 -0.82 17.07 -9.19
CA SER A 115 -1.62 16.48 -8.12
C SER A 115 -2.21 17.56 -7.21
N VAL A 116 -1.43 18.57 -6.86
CA VAL A 116 -1.96 19.61 -5.99
C VAL A 116 -3.03 20.43 -6.70
N ALA A 117 -2.87 20.67 -8.00
CA ALA A 117 -3.93 21.33 -8.76
C ALA A 117 -5.20 20.48 -8.77
N ARG A 118 -5.04 19.17 -8.95
CA ARG A 118 -6.17 18.25 -8.84
C ARG A 118 -6.88 18.42 -7.51
N ALA A 119 -6.12 18.42 -6.42
CA ALA A 119 -6.71 18.49 -5.09
C ALA A 119 -7.43 19.82 -4.90
N TRP A 120 -6.79 20.93 -5.28
CA TRP A 120 -7.39 22.24 -5.09
C TRP A 120 -8.67 22.37 -5.90
N SER A 121 -8.64 21.90 -7.15
CA SER A 121 -9.83 21.95 -7.99
C SER A 121 -10.95 21.11 -7.39
N ALA A 122 -10.64 19.92 -6.89
CA ALA A 122 -11.68 19.08 -6.30
C ALA A 122 -12.28 19.74 -5.07
N THR A 123 -11.44 20.33 -4.22
CA THR A 123 -11.95 20.98 -3.02
C THR A 123 -12.87 22.14 -3.37
N PHE A 124 -12.43 23.01 -4.29
CA PHE A 124 -13.27 24.14 -4.67
C PHE A 124 -14.56 23.66 -5.32
N ASP A 125 -14.47 22.63 -6.18
CA ASP A 125 -15.66 22.14 -6.86
C ASP A 125 -16.68 21.61 -5.87
N GLU A 126 -16.23 20.84 -4.87
CA GLU A 126 -17.15 20.34 -3.86
C GLU A 126 -17.72 21.49 -3.05
N LEU A 127 -16.90 22.51 -2.74
CA LEU A 127 -17.39 23.65 -1.99
C LEU A 127 -18.44 24.42 -2.77
N ILE A 128 -18.14 24.77 -4.03
CA ILE A 128 -19.10 25.49 -4.84
C ILE A 128 -20.32 24.61 -5.14
N GLY A 129 -20.10 23.33 -5.38
CA GLY A 129 -21.17 22.39 -5.61
C GLY A 129 -20.86 21.45 -6.77
N LYS A 130 -21.49 20.28 -6.74
CA LYS A 130 -21.31 19.30 -7.81
C LYS A 130 -21.75 19.80 -9.19
N PRO A 131 -22.85 20.53 -9.34
CA PRO A 131 -23.26 20.93 -10.70
C PRO A 131 -22.15 21.62 -11.48
N ILE A 132 -21.36 22.43 -10.79
CA ILE A 132 -20.19 23.04 -11.43
C ILE A 132 -19.26 21.94 -11.93
N GLY A 133 -19.03 20.92 -11.10
CA GLY A 133 -18.31 19.75 -11.57
C GLY A 133 -19.09 18.94 -12.60
N GLU A 134 -20.41 18.85 -12.43
CA GLU A 134 -21.21 18.05 -13.36
C GLU A 134 -21.25 18.64 -14.75
N PHE A 135 -20.80 19.88 -14.95
CA PHE A 135 -20.64 20.39 -16.31
C PHE A 135 -19.68 19.50 -17.09
N SER A 136 -18.57 19.09 -16.47
CA SER A 136 -17.65 18.16 -17.11
C SER A 136 -18.35 16.83 -17.42
N ARG A 137 -19.14 16.33 -16.47
CA ARG A 137 -19.84 15.07 -16.70
C ARG A 137 -20.83 15.19 -17.85
N GLN A 138 -21.30 16.40 -18.12
CA GLN A 138 -22.21 16.63 -19.24
C GLN A 138 -21.45 16.69 -20.56
N HIS A 139 -20.34 17.42 -20.62
CA HIS A 139 -19.73 17.76 -21.89
C HIS A 139 -18.45 16.99 -22.21
N MET A 140 -17.85 16.27 -21.26
CA MET A 140 -16.59 15.60 -21.51
C MET A 140 -16.60 14.19 -20.92
N ALA A 141 -15.86 13.29 -21.56
CA ALA A 141 -15.68 11.93 -21.07
C ALA A 141 -14.45 11.28 -21.72
N LEU A 142 -13.44 10.95 -20.91
CA LEU A 142 -12.26 10.27 -21.45
C LEU A 142 -12.60 8.85 -21.90
N ASN A 143 -13.41 8.15 -21.12
CA ASN A 143 -13.94 6.82 -21.44
C ASN A 143 -12.93 5.69 -21.30
N ALA A 144 -11.76 5.96 -20.71
CA ALA A 144 -10.72 4.95 -20.50
C ALA A 144 -10.24 5.03 -19.06
N PRO A 145 -11.03 4.51 -18.11
CA PRO A 145 -10.65 4.65 -16.70
C PRO A 145 -9.31 4.04 -16.36
N GLY A 146 -8.96 2.90 -16.95
CA GLY A 146 -7.73 2.22 -16.58
C GLY A 146 -6.49 3.01 -16.94
N VAL A 147 -6.45 3.56 -18.16
CA VAL A 147 -5.29 4.28 -18.67
C VAL A 147 -5.53 5.78 -18.72
N LEU A 148 -6.72 6.24 -18.39
CA LEU A 148 -7.05 7.67 -18.42
C LEU A 148 -7.95 7.98 -17.23
N ALA A 149 -7.99 9.26 -16.86
CA ALA A 149 -8.82 9.67 -15.74
C ALA A 149 -10.29 9.45 -16.06
N GLN A 150 -11.01 8.90 -15.07
CA GLN A 150 -12.45 8.72 -15.24
C GLN A 150 -13.14 10.07 -15.45
N THR A 151 -12.56 11.15 -14.92
CA THR A 151 -13.10 12.49 -15.07
C THR A 151 -11.94 13.44 -15.35
N PRO A 152 -11.99 14.22 -16.43
CA PRO A 152 -10.94 15.23 -16.65
C PRO A 152 -11.15 16.45 -15.76
N ASP A 153 -10.04 16.98 -15.24
CA ASP A 153 -10.08 18.15 -14.35
C ASP A 153 -9.72 19.38 -15.17
N ILE A 154 -10.73 19.93 -15.86
CA ILE A 154 -10.51 21.13 -16.66
C ILE A 154 -10.14 22.31 -15.76
N PHE A 155 -10.74 22.39 -14.58
CA PHE A 155 -10.49 23.54 -13.72
C PHE A 155 -9.06 23.50 -13.16
N ALA A 156 -8.52 22.32 -12.89
CA ALA A 156 -7.11 22.26 -12.52
C ALA A 156 -6.22 22.76 -13.64
N VAL A 157 -6.60 22.50 -14.89
CA VAL A 157 -5.86 23.06 -16.03
C VAL A 157 -5.93 24.57 -16.01
N ILE A 158 -7.12 25.12 -15.70
CA ILE A 158 -7.24 26.57 -15.62
C ILE A 158 -6.34 27.13 -14.52
N ILE A 159 -6.32 26.48 -13.36
CA ILE A 159 -5.44 26.91 -12.27
C ILE A 159 -3.99 26.89 -12.73
N ILE A 160 -3.58 25.80 -13.39
CA ILE A 160 -2.17 25.68 -13.78
C ILE A 160 -1.80 26.73 -14.80
N ILE A 161 -2.68 27.03 -15.76
CA ILE A 161 -2.37 28.07 -16.74
C ILE A 161 -2.28 29.43 -16.05
N ILE A 162 -3.18 29.71 -15.10
CA ILE A 162 -3.10 30.98 -14.37
C ILE A 162 -1.78 31.10 -13.63
N LEU A 163 -1.39 30.05 -12.90
CA LEU A 163 -0.17 30.12 -12.11
C LEU A 163 1.08 30.17 -13.00
N THR A 164 1.06 29.50 -14.15
CA THR A 164 2.18 29.61 -15.07
C THR A 164 2.27 31.01 -15.65
N GLY A 165 1.12 31.66 -15.89
CA GLY A 165 1.15 33.05 -16.29
C GLY A 165 1.76 33.94 -15.22
N LEU A 166 1.39 33.69 -13.96
CA LEU A 166 1.98 34.47 -12.86
C LEU A 166 3.48 34.26 -12.78
N LEU A 167 3.93 33.00 -12.83
CA LEU A 167 5.35 32.70 -12.69
C LEU A 167 6.15 33.27 -13.87
N THR A 168 5.59 33.19 -15.08
CA THR A 168 6.26 33.77 -16.24
C THR A 168 6.39 35.28 -16.09
N LEU A 169 5.36 35.93 -15.55
CA LEU A 169 5.41 37.38 -15.33
C LEU A 169 6.53 37.77 -14.37
N GLY A 170 7.04 36.81 -13.58
CA GLY A 170 8.02 37.09 -12.58
C GLY A 170 7.50 37.06 -11.15
N VAL A 171 6.22 36.73 -10.95
CA VAL A 171 5.69 36.59 -9.60
C VAL A 171 6.41 35.46 -8.90
N LYS A 172 6.81 35.70 -7.65
CA LYS A 172 7.57 34.75 -6.88
C LYS A 172 6.89 34.49 -5.54
N GLU A 173 7.17 33.32 -4.97
CA GLU A 173 6.61 32.97 -3.67
C GLU A 173 6.97 34.03 -2.64
N SER A 174 5.98 34.48 -1.89
CA SER A 174 6.18 35.47 -0.84
C SER A 174 6.37 34.77 0.50
N ALA A 175 7.44 35.14 1.21
CA ALA A 175 7.74 34.49 2.48
C ALA A 175 6.67 34.79 3.53
N MET A 176 6.24 36.05 3.60
CA MET A 176 5.30 36.45 4.65
C MET A 176 3.96 35.75 4.50
N VAL A 177 3.41 35.76 3.27
CA VAL A 177 2.13 35.11 3.03
C VAL A 177 2.25 33.62 3.22
N ASN A 178 3.39 33.04 2.84
CA ASN A 178 3.61 31.61 3.06
C ASN A 178 3.60 31.28 4.54
N LYS A 179 4.24 32.12 5.36
CA LYS A 179 4.20 31.92 6.80
C LYS A 179 2.78 32.00 7.33
N ILE A 180 2.01 32.98 6.85
CA ILE A 180 0.63 33.13 7.31
C ILE A 180 -0.18 31.90 6.93
N PHE A 181 0.02 31.39 5.71
CA PHE A 181 -0.75 30.25 5.25
C PHE A 181 -0.35 28.97 6.00
N THR A 182 0.93 28.83 6.34
CA THR A 182 1.34 27.70 7.15
C THR A 182 0.73 27.77 8.54
N CYS A 183 0.66 28.96 9.12
CA CYS A 183 0.06 29.11 10.44
C CYS A 183 -1.42 28.74 10.42
N ILE A 184 -2.16 29.25 9.43
CA ILE A 184 -3.58 28.91 9.33
C ILE A 184 -3.74 27.41 9.09
N ASN A 185 -2.85 26.82 8.28
CA ASN A 185 -2.91 25.38 8.04
C ASN A 185 -2.73 24.60 9.33
N VAL A 186 -1.75 24.98 10.14
CA VAL A 186 -1.51 24.25 11.39
C VAL A 186 -2.68 24.43 12.35
N LEU A 187 -3.27 25.64 12.39
CA LEU A 187 -4.42 25.85 13.26
C LEU A 187 -5.60 24.99 12.84
N VAL A 188 -5.86 24.92 11.54
CA VAL A 188 -6.97 24.08 11.08
C VAL A 188 -6.65 22.60 11.32
N LEU A 189 -5.39 22.20 11.21
CA LEU A 189 -5.02 20.82 11.54
C LEU A 189 -5.32 20.51 12.99
N CYS A 190 -4.98 21.43 13.89
CA CYS A 190 -5.29 21.23 15.31
C CYS A 190 -6.78 21.12 15.53
N PHE A 191 -7.56 21.98 14.87
CA PHE A 191 -9.01 21.91 14.99
C PHE A 191 -9.55 20.57 14.49
N ILE A 192 -9.00 20.08 13.38
CA ILE A 192 -9.45 18.80 12.83
C ILE A 192 -9.13 17.68 13.80
N VAL A 193 -7.95 17.68 14.40
CA VAL A 193 -7.60 16.63 15.36
C VAL A 193 -8.53 16.68 16.56
N VAL A 194 -8.79 17.88 17.09
CA VAL A 194 -9.66 18.01 18.26
C VAL A 194 -11.06 17.52 17.93
N SER A 195 -11.58 17.91 16.76
CA SER A 195 -12.92 17.47 16.37
C SER A 195 -12.97 15.97 16.13
N GLY A 196 -11.89 15.38 15.62
CA GLY A 196 -11.85 13.94 15.45
C GLY A 196 -11.92 13.22 16.77
N PHE A 197 -11.15 13.68 17.76
CA PHE A 197 -11.19 13.04 19.07
C PHE A 197 -12.48 13.32 19.83
N VAL A 198 -13.17 14.42 19.52
CA VAL A 198 -14.44 14.70 20.18
C VAL A 198 -15.58 13.91 19.55
N LYS A 199 -15.78 14.08 18.25
CA LYS A 199 -16.90 13.47 17.55
C LYS A 199 -16.60 12.05 17.07
N GLY A 200 -15.35 11.76 16.71
CA GLY A 200 -15.03 10.44 16.20
C GLY A 200 -15.18 9.37 17.27
N SER A 201 -15.42 8.15 16.81
CA SER A 201 -15.63 7.00 17.69
C SER A 201 -14.76 5.84 17.22
N ILE A 202 -14.28 5.05 18.19
CA ILE A 202 -13.44 3.92 17.88
C ILE A 202 -14.19 2.85 17.10
N LYS A 203 -15.51 2.88 17.11
CA LYS A 203 -16.29 1.89 16.37
C LYS A 203 -15.97 1.92 14.89
N ASN A 204 -15.59 3.09 14.35
CA ASN A 204 -15.24 3.20 12.95
C ASN A 204 -13.96 2.46 12.61
N TRP A 205 -13.16 2.07 13.61
CA TRP A 205 -12.00 1.22 13.41
C TRP A 205 -12.34 -0.24 13.68
N GLN A 206 -13.61 -0.56 13.92
CA GLN A 206 -14.04 -1.93 14.22
C GLN A 206 -15.26 -2.32 13.39
N LEU A 207 -15.45 -1.70 12.23
CA LEU A 207 -16.64 -1.95 11.43
C LEU A 207 -16.67 -3.39 10.93
N THR A 208 -17.87 -3.95 10.86
CA THR A 208 -18.06 -5.31 10.37
C THR A 208 -19.08 -5.32 9.24
N GLU A 209 -19.51 -6.51 8.82
CA GLU A 209 -20.49 -6.62 7.76
C GLU A 209 -21.78 -5.89 8.11
N LYS A 210 -22.09 -5.77 9.40
CA LYS A 210 -23.29 -5.06 9.82
C LYS A 210 -23.22 -3.59 9.42
N ASN A 211 -22.01 -3.03 9.36
CA ASN A 211 -21.81 -1.62 9.02
C ASN A 211 -21.30 -1.43 7.60
N PHE A 212 -21.54 -2.42 6.73
CA PHE A 212 -21.08 -2.37 5.34
C PHE A 212 -22.11 -1.77 4.40
N SER A 213 -23.08 -1.03 4.94
CA SER A 213 -24.08 -0.31 4.14
C SER A 213 -23.77 1.18 4.21
N CYS A 214 -23.46 1.78 3.06
CA CYS A 214 -23.19 3.20 2.99
C CYS A 214 -24.45 3.96 2.63
N ASN A 215 -24.65 5.11 3.27
CA ASN A 215 -25.88 5.87 3.08
C ASN A 215 -26.01 6.35 1.63
N ASN A 216 -24.95 6.94 1.09
CA ASN A 216 -24.98 7.38 -0.30
C ASN A 216 -25.11 6.17 -1.23
N ASN A 217 -25.85 6.34 -2.34
CA ASN A 217 -25.94 5.27 -3.33
C ASN A 217 -24.73 5.36 -4.26
N ASP A 218 -23.58 5.01 -3.70
CA ASP A 218 -22.32 4.92 -4.43
C ASP A 218 -21.98 3.45 -4.63
N THR A 219 -21.67 3.07 -5.86
CA THR A 219 -21.47 1.67 -6.23
C THR A 219 -19.97 1.36 -6.37
N ASN A 220 -19.68 0.06 -6.51
CA ASN A 220 -18.32 -0.43 -6.70
C ASN A 220 -17.41 0.02 -5.56
N VAL A 221 -17.92 -0.07 -4.34
CA VAL A 221 -17.16 0.29 -3.15
C VAL A 221 -16.33 -0.90 -2.69
N LYS A 222 -15.14 -0.62 -2.17
CA LYS A 222 -14.19 -1.65 -1.74
C LYS A 222 -14.30 -1.81 -0.22
N TYR A 223 -15.28 -2.62 0.19
CA TYR A 223 -15.52 -2.87 1.60
C TYR A 223 -14.33 -3.53 2.28
N GLY A 224 -13.73 -4.53 1.64
CA GLY A 224 -12.61 -5.22 2.26
C GLY A 224 -13.06 -6.03 3.47
N GLU A 225 -12.07 -6.36 4.31
CA GLU A 225 -12.35 -7.10 5.53
C GLU A 225 -13.18 -6.28 6.51
N GLY A 226 -12.79 -5.03 6.73
CA GLY A 226 -13.38 -4.23 7.77
C GLY A 226 -12.55 -4.25 9.05
N GLY A 227 -12.81 -3.26 9.90
CA GLY A 227 -12.04 -3.12 11.13
C GLY A 227 -10.92 -2.11 10.98
N PHE A 228 -9.78 -2.38 11.62
CA PHE A 228 -8.67 -1.44 11.61
C PHE A 228 -7.77 -1.60 10.38
N MET A 229 -7.60 -2.83 9.88
CA MET A 229 -6.72 -3.13 8.77
C MET A 229 -7.52 -3.88 7.71
N PRO A 230 -8.48 -3.21 7.07
CA PRO A 230 -9.36 -3.90 6.13
C PRO A 230 -8.63 -4.48 4.92
N PHE A 231 -7.50 -3.92 4.52
CA PHE A 231 -6.79 -4.38 3.32
C PHE A 231 -5.45 -5.04 3.65
N GLY A 232 -5.20 -5.34 4.92
CA GLY A 232 -4.03 -6.11 5.29
C GLY A 232 -2.74 -5.30 5.30
N PHE A 233 -1.67 -5.98 5.70
CA PHE A 233 -0.38 -5.32 5.80
C PHE A 233 0.17 -4.97 4.43
N SER A 234 -0.20 -5.72 3.39
CA SER A 234 0.18 -5.31 2.03
C SER A 234 -0.49 -4.00 1.66
N GLY A 235 -1.75 -3.81 2.06
CA GLY A 235 -2.38 -2.52 1.86
C GLY A 235 -1.72 -1.42 2.66
N VAL A 236 -1.32 -1.73 3.89
CA VAL A 236 -0.60 -0.74 4.70
C VAL A 236 0.71 -0.36 4.00
N LEU A 237 1.41 -1.35 3.44
CA LEU A 237 2.68 -1.08 2.78
C LEU A 237 2.48 -0.25 1.51
N SER A 238 1.42 -0.56 0.74
CA SER A 238 1.14 0.26 -0.44
C SER A 238 0.80 1.69 -0.06
N GLY A 239 0.05 1.87 1.03
CA GLY A 239 -0.23 3.21 1.50
C GLY A 239 1.03 3.94 1.95
N ALA A 240 1.92 3.23 2.64
CA ALA A 240 3.18 3.83 3.06
C ALA A 240 4.02 4.22 1.86
N ALA A 241 4.06 3.38 0.83
CA ALA A 241 4.73 3.74 -0.41
C ALA A 241 4.11 5.00 -1.00
N THR A 242 2.78 5.13 -0.96
CA THR A 242 2.06 6.31 -1.53
C THR A 242 2.21 7.51 -0.59
N CYS A 243 2.44 7.31 0.71
CA CYS A 243 2.55 8.39 1.73
C CYS A 243 3.99 8.92 1.81
N PHE A 244 4.94 8.25 1.16
CA PHE A 244 6.37 8.64 1.17
C PHE A 244 6.52 10.03 0.56
N TYR A 245 5.74 10.35 -0.47
CA TYR A 245 5.80 11.65 -1.20
C TYR A 245 5.40 12.81 -0.27
N ALA A 246 4.50 12.59 0.70
CA ALA A 246 3.99 13.64 1.61
C ALA A 246 5.11 14.18 2.50
N PHE A 247 6.05 13.34 2.94
CA PHE A 247 7.15 13.73 3.85
C PHE A 247 8.29 14.46 3.11
N VAL A 248 8.17 14.67 1.79
CA VAL A 248 9.19 15.32 0.99
C VAL A 248 9.23 16.81 1.33
N GLY A 249 10.44 17.35 1.50
CA GLY A 249 10.60 18.75 1.85
C GLY A 249 11.67 18.96 2.91
N PHE A 250 12.10 17.87 3.55
CA PHE A 250 13.16 17.93 4.55
C PHE A 250 14.52 18.27 3.95
N ASP A 251 14.65 18.24 2.62
CA ASP A 251 15.93 18.57 1.98
C ASP A 251 16.45 19.92 2.46
N CYS A 252 15.55 20.88 2.71
CA CYS A 252 15.98 22.21 3.05
C CYS A 252 16.83 22.24 4.32
N ILE A 253 16.71 21.22 5.18
CA ILE A 253 17.57 21.16 6.36
C ILE A 253 18.99 20.77 5.96
N ALA A 254 19.12 19.75 5.11
CA ALA A 254 20.44 19.36 4.62
C ALA A 254 21.06 20.47 3.79
N THR A 255 20.24 21.16 2.99
CA THR A 255 20.69 22.24 2.11
C THR A 255 20.47 23.61 2.74
N THR A 256 20.62 23.69 4.07
CA THR A 256 20.30 24.91 4.79
C THR A 256 21.08 26.11 4.25
N GLY A 257 22.33 25.90 3.83
CA GLY A 257 23.15 27.00 3.33
C GLY A 257 23.83 27.84 4.39
N GLU A 258 23.08 28.33 5.35
CA GLU A 258 23.68 29.11 6.43
C GLU A 258 24.53 28.20 7.32
N GLU A 259 25.47 28.81 8.04
CA GLU A 259 26.31 28.06 8.96
C GLU A 259 25.50 27.62 10.17
N VAL A 260 25.83 26.43 10.67
CA VAL A 260 25.12 25.81 11.79
C VAL A 260 26.08 25.65 12.96
N LYS A 261 25.55 25.85 14.18
CA LYS A 261 26.38 25.92 15.37
C LYS A 261 27.02 24.58 15.72
N ASN A 262 26.48 23.49 15.22
CA ASN A 262 27.00 22.15 15.46
C ASN A 262 26.51 21.27 14.32
N PRO A 263 27.11 21.38 13.13
CA PRO A 263 26.45 20.85 11.93
C PRO A 263 26.09 19.38 11.98
N GLN A 264 27.07 18.50 12.18
CA GLN A 264 26.78 17.07 12.17
C GLN A 264 25.93 16.63 13.35
N LYS A 265 25.73 17.49 14.35
CA LYS A 265 24.88 17.18 15.49
C LYS A 265 23.52 17.89 15.44
N ALA A 266 23.46 19.10 14.87
CA ALA A 266 22.20 19.81 14.78
C ALA A 266 21.39 19.40 13.56
N ILE A 267 22.06 19.15 12.44
CA ILE A 267 21.33 18.77 11.22
C ILE A 267 20.51 17.50 11.40
N PRO A 268 21.04 16.41 11.96
CA PRO A 268 20.21 15.20 12.07
C PRO A 268 19.06 15.35 13.06
N VAL A 269 19.30 16.03 14.18
CA VAL A 269 18.22 16.28 15.13
C VAL A 269 17.13 17.12 14.48
N GLY A 270 17.53 18.14 13.72
CA GLY A 270 16.54 18.95 13.03
C GLY A 270 15.73 18.15 12.03
N ILE A 271 16.39 17.30 11.25
CA ILE A 271 15.69 16.49 10.25
C ILE A 271 14.70 15.56 10.94
N VAL A 272 15.17 14.84 11.96
CA VAL A 272 14.32 13.86 12.62
C VAL A 272 13.16 14.54 13.33
N ALA A 273 13.41 15.70 13.95
CA ALA A 273 12.34 16.41 14.64
C ALA A 273 11.30 16.92 13.66
N SER A 274 11.74 17.46 12.52
CA SER A 274 10.79 17.93 11.52
C SER A 274 9.94 16.77 11.00
N LEU A 275 10.58 15.63 10.71
CA LEU A 275 9.84 14.49 10.21
C LEU A 275 8.89 13.92 11.26
N LEU A 276 9.30 13.96 12.53
CA LEU A 276 8.42 13.49 13.60
C LEU A 276 7.22 14.42 13.75
N ILE A 277 7.43 15.74 13.65
CA ILE A 277 6.32 16.67 13.72
C ILE A 277 5.35 16.43 12.56
N CYS A 278 5.89 16.23 11.36
CA CYS A 278 5.03 15.96 10.21
C CYS A 278 4.27 14.66 10.39
N PHE A 279 4.92 13.63 10.95
CA PHE A 279 4.22 12.37 11.21
C PHE A 279 3.14 12.55 12.26
N ILE A 280 3.40 13.35 13.29
CA ILE A 280 2.37 13.60 14.30
C ILE A 280 1.16 14.27 13.66
N ALA A 281 1.40 15.29 12.83
CA ALA A 281 0.30 15.97 12.17
C ALA A 281 -0.50 15.00 11.30
N TYR A 282 0.20 14.22 10.46
CA TYR A 282 -0.49 13.32 9.55
C TYR A 282 -1.22 12.22 10.31
N PHE A 283 -0.60 11.67 11.36
CA PHE A 283 -1.24 10.66 12.19
C PHE A 283 -2.52 11.21 12.80
N GLY A 284 -2.44 12.38 13.44
CA GLY A 284 -3.63 12.94 14.05
C GLY A 284 -4.74 13.19 13.05
N VAL A 285 -4.40 13.75 11.89
CA VAL A 285 -5.42 14.12 10.92
C VAL A 285 -6.05 12.87 10.29
N SER A 286 -5.24 11.89 9.91
CA SER A 286 -5.80 10.67 9.34
C SER A 286 -6.60 9.90 10.38
N ALA A 287 -6.16 9.91 11.64
CA ALA A 287 -6.94 9.28 12.69
C ALA A 287 -8.29 9.95 12.85
N ALA A 288 -8.31 11.28 12.86
CA ALA A 288 -9.58 12.00 12.93
C ALA A 288 -10.48 11.62 11.76
N LEU A 289 -9.91 11.61 10.55
CA LEU A 289 -10.70 11.32 9.36
C LEU A 289 -11.31 9.92 9.44
N THR A 290 -10.50 8.92 9.77
CA THR A 290 -10.99 7.54 9.80
C THR A 290 -11.82 7.24 11.04
N LEU A 291 -11.77 8.07 12.07
CA LEU A 291 -12.64 7.90 13.23
C LEU A 291 -14.00 8.55 13.05
N MET A 292 -14.07 9.65 12.28
CA MET A 292 -15.35 10.33 12.13
C MET A 292 -16.27 9.62 11.13
N MET A 293 -15.72 9.04 10.07
CA MET A 293 -16.53 8.42 9.03
C MET A 293 -15.88 7.13 8.55
N PRO A 294 -16.67 6.15 8.12
CA PRO A 294 -16.08 4.89 7.65
C PRO A 294 -15.08 5.10 6.54
N TYR A 295 -14.02 4.28 6.56
CA TYR A 295 -12.95 4.42 5.57
C TYR A 295 -13.46 4.20 4.15
N PHE A 296 -14.37 3.25 3.96
CA PHE A 296 -14.87 2.95 2.63
C PHE A 296 -15.87 3.99 2.11
N CYS A 297 -16.39 4.84 2.98
CA CYS A 297 -17.29 5.91 2.59
C CYS A 297 -16.56 7.25 2.47
N LEU A 298 -15.24 7.25 2.55
CA LEU A 298 -14.47 8.47 2.40
C LEU A 298 -14.65 9.05 1.00
N ASP A 299 -14.64 10.38 0.92
CA ASP A 299 -14.77 11.07 -0.35
C ASP A 299 -13.36 11.35 -0.88
N ILE A 300 -13.04 10.73 -2.02
CA ILE A 300 -11.71 10.89 -2.60
C ILE A 300 -11.48 12.33 -3.05
N ASP A 301 -12.52 12.96 -3.61
CA ASP A 301 -12.39 14.35 -4.06
C ASP A 301 -12.07 15.27 -2.91
N SER A 302 -12.79 15.13 -1.79
CA SER A 302 -12.59 15.98 -0.62
C SER A 302 -12.94 15.19 0.63
N PRO A 303 -11.97 14.46 1.19
CA PRO A 303 -12.29 13.62 2.36
C PRO A 303 -12.69 14.41 3.60
N LEU A 304 -11.92 15.42 3.97
CA LEU A 304 -12.13 16.08 5.26
C LEU A 304 -13.49 16.77 5.32
N PRO A 305 -13.89 17.60 4.36
CA PRO A 305 -15.19 18.29 4.49
C PRO A 305 -16.37 17.32 4.52
N GLY A 306 -16.36 16.30 3.67
CA GLY A 306 -17.43 15.31 3.69
C GLY A 306 -17.47 14.53 4.99
N ALA A 307 -16.30 14.23 5.55
CA ALA A 307 -16.25 13.59 6.85
C ALA A 307 -16.88 14.47 7.91
N PHE A 308 -16.60 15.78 7.86
CA PHE A 308 -17.26 16.69 8.79
C PHE A 308 -18.77 16.69 8.61
N LYS A 309 -19.22 16.69 7.35
CA LYS A 309 -20.65 16.68 7.08
C LYS A 309 -21.31 15.42 7.65
N HIS A 310 -20.65 14.27 7.52
CA HIS A 310 -21.22 13.03 8.02
C HIS A 310 -21.52 13.12 9.51
N GLN A 311 -20.65 13.78 10.27
CA GLN A 311 -20.83 13.90 11.72
C GLN A 311 -21.77 15.02 12.11
N GLY A 312 -22.34 15.74 11.15
CA GLY A 312 -23.29 16.80 11.44
C GLY A 312 -22.67 18.16 11.72
N TRP A 313 -21.35 18.27 11.69
CA TRP A 313 -20.68 19.56 11.79
C TRP A 313 -20.40 20.12 10.40
N GLU A 314 -21.48 20.29 9.63
CA GLU A 314 -21.35 20.71 8.24
C GLU A 314 -20.69 22.08 8.13
N GLU A 315 -20.93 22.97 9.11
CA GLU A 315 -20.32 24.29 9.05
C GLU A 315 -18.80 24.19 9.00
N ALA A 316 -18.23 23.15 9.63
CA ALA A 316 -16.78 23.00 9.64
C ALA A 316 -16.22 22.86 8.23
N LYS A 317 -17.05 22.45 7.26
CA LYS A 317 -16.55 22.35 5.89
C LYS A 317 -15.96 23.67 5.44
N TYR A 318 -16.53 24.79 5.91
CA TYR A 318 -15.98 26.08 5.56
C TYR A 318 -14.59 26.28 6.17
N ALA A 319 -14.46 25.99 7.47
CA ALA A 319 -13.17 26.17 8.13
C ALA A 319 -12.09 25.35 7.43
N VAL A 320 -12.35 24.06 7.22
CA VAL A 320 -11.42 23.23 6.46
C VAL A 320 -11.24 23.82 5.08
N ALA A 321 -12.32 24.26 4.44
CA ALA A 321 -12.21 24.90 3.14
C ALA A 321 -11.27 26.09 3.20
N ILE A 322 -11.36 26.88 4.28
CA ILE A 322 -10.41 27.96 4.47
C ILE A 322 -9.00 27.41 4.60
N GLY A 323 -8.83 26.40 5.46
CA GLY A 323 -7.49 25.86 5.67
C GLY A 323 -6.96 25.12 4.46
N SER A 324 -7.76 24.19 3.93
CA SER A 324 -7.29 23.35 2.83
C SER A 324 -6.86 24.20 1.65
N LEU A 325 -7.71 25.11 1.21
CA LEU A 325 -7.36 25.95 0.07
C LEU A 325 -6.09 26.73 0.34
N CYS A 326 -5.85 27.11 1.59
CA CYS A 326 -4.57 27.70 1.94
C CYS A 326 -3.44 26.67 1.85
N ALA A 327 -3.61 25.54 2.54
CA ALA A 327 -2.52 24.57 2.60
C ALA A 327 -2.16 24.08 1.20
N LEU A 328 -3.16 23.71 0.41
CA LEU A 328 -2.89 23.25 -0.95
C LEU A 328 -2.15 24.33 -1.72
N SER A 329 -2.51 25.60 -1.53
CA SER A 329 -1.78 26.66 -2.18
C SER A 329 -0.31 26.59 -1.81
N THR A 330 -0.01 26.56 -0.51
CA THR A 330 1.37 26.48 -0.07
C THR A 330 2.06 25.26 -0.65
N SER A 331 1.31 24.21 -0.99
CA SER A 331 1.90 23.07 -1.67
C SER A 331 2.09 23.39 -3.15
N LEU A 332 1.01 23.80 -3.83
CA LEU A 332 1.09 23.96 -5.27
C LEU A 332 2.19 24.93 -5.64
N LEU A 333 2.17 26.12 -5.02
CA LEU A 333 3.22 27.09 -5.31
C LEU A 333 4.59 26.50 -5.05
N GLY A 334 4.72 25.78 -3.93
CA GLY A 334 6.00 25.19 -3.60
C GLY A 334 6.50 24.23 -4.66
N SER A 335 5.59 23.47 -5.25
CA SER A 335 5.99 22.60 -6.35
C SER A 335 6.21 23.39 -7.63
N MET A 336 5.42 24.44 -7.84
CA MET A 336 5.46 25.15 -9.12
C MET A 336 6.69 26.01 -9.25
N PHE A 337 7.10 26.68 -8.17
CA PHE A 337 8.21 27.63 -8.27
C PHE A 337 9.50 26.97 -8.72
N PRO A 338 9.91 25.81 -8.18
CA PRO A 338 11.18 25.21 -8.63
C PRO A 338 11.05 24.41 -9.92
N MET A 339 9.83 24.11 -10.37
CA MET A 339 9.66 23.28 -11.55
C MET A 339 10.36 23.86 -12.77
N PRO A 340 10.24 25.16 -13.07
CA PRO A 340 11.04 25.72 -14.17
C PRO A 340 12.53 25.78 -13.86
N ARG A 341 12.89 25.89 -12.58
CA ARG A 341 14.27 26.17 -12.20
C ARG A 341 15.20 24.99 -12.53
N VAL A 342 14.77 23.77 -12.23
CA VAL A 342 15.55 22.59 -12.63
C VAL A 342 15.70 22.52 -14.14
N ILE A 343 14.62 22.81 -14.87
CA ILE A 343 14.69 22.76 -16.31
C ILE A 343 15.71 23.76 -16.82
N TYR A 344 15.73 24.95 -16.22
CA TYR A 344 16.68 25.96 -16.65
C TYR A 344 18.11 25.50 -16.35
N ALA A 345 18.33 25.01 -15.12
CA ALA A 345 19.66 24.57 -14.73
C ALA A 345 20.18 23.49 -15.66
N MET A 346 19.37 22.47 -15.92
CA MET A 346 19.81 21.39 -16.81
C MET A 346 20.05 21.90 -18.22
N ALA A 347 19.18 22.79 -18.72
CA ALA A 347 19.32 23.28 -20.08
C ALA A 347 20.62 24.05 -20.27
N GLU A 348 20.98 24.90 -19.30
CA GLU A 348 22.28 25.56 -19.38
C GLU A 348 23.43 24.56 -19.44
N ASP A 349 23.35 23.50 -18.65
CA ASP A 349 24.42 22.49 -18.65
C ASP A 349 24.40 21.63 -19.90
N GLY A 350 23.41 21.80 -20.77
CA GLY A 350 23.32 21.04 -22.00
C GLY A 350 22.67 19.69 -21.85
N LEU A 351 22.31 19.29 -20.63
CA LEU A 351 21.61 18.02 -20.44
C LEU A 351 20.26 18.04 -21.12
N LEU A 352 19.53 19.14 -20.99
CA LEU A 352 18.24 19.34 -21.62
C LEU A 352 18.40 20.26 -22.83
N PHE A 353 17.36 20.30 -23.66
CA PHE A 353 17.44 21.06 -24.89
C PHE A 353 17.70 22.53 -24.59
N LYS A 354 18.50 23.17 -25.44
CA LYS A 354 18.91 24.54 -25.20
C LYS A 354 17.75 25.51 -25.31
N PHE A 355 16.67 25.15 -26.02
CA PHE A 355 15.60 26.13 -26.22
C PHE A 355 14.85 26.39 -24.93
N LEU A 356 14.95 25.47 -23.96
CA LEU A 356 14.40 25.73 -22.64
C LEU A 356 15.32 26.65 -21.85
N ALA A 357 16.63 26.57 -22.12
CA ALA A 357 17.62 27.37 -21.41
C ALA A 357 17.42 28.86 -21.62
N LYS A 358 16.93 29.25 -22.80
CA LYS A 358 16.81 30.67 -23.11
C LYS A 358 15.92 31.37 -22.10
N ILE A 359 16.32 32.58 -21.71
CA ILE A 359 15.58 33.42 -20.78
C ILE A 359 15.12 34.68 -21.51
N ASN A 360 13.86 35.04 -21.32
CA ASN A 360 13.32 36.24 -21.95
C ASN A 360 14.06 37.48 -21.46
N ASN A 361 14.28 38.43 -22.38
CA ASN A 361 14.89 39.70 -21.98
C ASN A 361 13.89 40.58 -21.24
N ARG A 362 12.60 40.43 -21.50
CA ARG A 362 11.60 41.29 -20.89
C ARG A 362 11.31 40.87 -19.45
N THR A 363 11.17 39.57 -19.21
CA THR A 363 10.85 39.08 -17.87
C THR A 363 12.08 38.72 -17.05
N LYS A 364 13.20 38.41 -17.69
CA LYS A 364 14.39 37.93 -17.00
C LYS A 364 14.13 36.58 -16.34
N THR A 365 13.19 35.81 -16.89
CA THR A 365 12.82 34.50 -16.38
C THR A 365 12.89 33.47 -17.50
N PRO A 366 13.08 32.18 -17.16
CA PRO A 366 13.05 31.14 -18.18
C PRO A 366 11.62 30.88 -18.65
N VAL A 367 11.13 31.74 -19.54
CA VAL A 367 9.72 31.69 -19.92
C VAL A 367 9.38 30.38 -20.61
N ILE A 368 10.25 29.93 -21.53
CA ILE A 368 9.92 28.74 -22.31
C ILE A 368 9.87 27.51 -21.41
N ALA A 369 10.82 27.38 -20.48
CA ALA A 369 10.80 26.25 -19.58
C ALA A 369 9.57 26.27 -18.68
N THR A 370 9.22 27.46 -18.17
CA THR A 370 8.03 27.57 -17.32
C THR A 370 6.78 27.18 -18.08
N VAL A 371 6.63 27.68 -19.31
CA VAL A 371 5.45 27.36 -20.10
C VAL A 371 5.39 25.87 -20.42
N THR A 372 6.52 25.28 -20.81
CA THR A 372 6.52 23.86 -21.17
C THR A 372 6.17 23.00 -19.96
N SER A 373 6.78 23.27 -18.81
CA SER A 373 6.48 22.48 -17.62
C SER A 373 5.04 22.69 -17.18
N GLY A 374 4.54 23.92 -17.27
CA GLY A 374 3.15 24.16 -16.94
C GLY A 374 2.21 23.38 -17.84
N ALA A 375 2.50 23.34 -19.13
CA ALA A 375 1.65 22.59 -20.07
C ALA A 375 1.70 21.10 -19.76
N ILE A 376 2.88 20.57 -19.44
CA ILE A 376 2.98 19.15 -19.12
C ILE A 376 2.19 18.84 -17.85
N ALA A 377 2.31 19.70 -16.83
CA ALA A 377 1.57 19.50 -15.60
C ALA A 377 0.07 19.59 -15.83
N ALA A 378 -0.35 20.54 -16.68
CA ALA A 378 -1.77 20.69 -16.99
C ALA A 378 -2.30 19.44 -17.68
N VAL A 379 -1.55 18.91 -18.65
CA VAL A 379 -1.98 17.70 -19.34
C VAL A 379 -2.08 16.54 -18.37
N MET A 380 -1.08 16.39 -17.49
CA MET A 380 -1.10 15.29 -16.53
C MET A 380 -2.28 15.42 -15.57
N ALA A 381 -2.58 16.63 -15.10
CA ALA A 381 -3.74 16.82 -14.24
C ALA A 381 -5.03 16.54 -14.99
N PHE A 382 -5.10 16.94 -16.25
CA PHE A 382 -6.31 16.74 -17.05
C PHE A 382 -6.59 15.26 -17.27
N LEU A 383 -5.57 14.51 -17.72
CA LEU A 383 -5.79 13.17 -18.24
C LEU A 383 -5.74 12.08 -17.17
N PHE A 384 -5.10 12.31 -16.02
CA PHE A 384 -4.83 11.24 -15.07
C PHE A 384 -5.49 11.51 -13.73
N GLU A 385 -5.86 10.43 -13.05
CA GLU A 385 -6.48 10.51 -11.75
C GLU A 385 -5.49 11.03 -10.70
N LEU A 386 -6.04 11.47 -9.58
CA LEU A 386 -5.22 11.97 -8.48
C LEU A 386 -4.24 10.91 -7.99
N LYS A 387 -4.74 9.70 -7.74
CA LYS A 387 -3.87 8.64 -7.22
C LYS A 387 -2.80 8.25 -8.23
N ASP A 388 -3.14 8.24 -9.52
CA ASP A 388 -2.13 7.89 -10.52
C ASP A 388 -0.99 8.89 -10.53
N LEU A 389 -1.30 10.18 -10.53
CA LEU A 389 -0.27 11.20 -10.47
C LEU A 389 0.53 11.10 -9.18
N VAL A 390 -0.16 10.87 -8.07
CA VAL A 390 0.49 10.70 -6.78
C VAL A 390 1.50 9.57 -6.82
N ASP A 391 1.10 8.41 -7.35
CA ASP A 391 1.99 7.26 -7.36
C ASP A 391 3.15 7.46 -8.33
N LEU A 392 2.90 8.16 -9.45
CA LEU A 392 4.01 8.46 -10.36
C LEU A 392 5.03 9.38 -9.70
N MET A 393 4.56 10.38 -8.96
CA MET A 393 5.48 11.24 -8.22
C MET A 393 6.22 10.44 -7.16
N SER A 394 5.51 9.53 -6.49
CA SER A 394 6.15 8.72 -5.45
C SER A 394 7.25 7.85 -6.04
N ILE A 395 7.00 7.20 -7.18
CA ILE A 395 8.03 6.35 -7.78
C ILE A 395 9.22 7.18 -8.23
N GLY A 396 8.97 8.33 -8.85
CA GLY A 396 10.08 9.18 -9.27
C GLY A 396 10.90 9.68 -8.09
N THR A 397 10.23 10.10 -7.02
CA THR A 397 10.93 10.60 -5.85
C THR A 397 11.71 9.49 -5.16
N LEU A 398 11.13 8.29 -5.08
CA LEU A 398 11.84 7.17 -4.47
C LEU A 398 13.07 6.79 -5.28
N LEU A 399 12.97 6.81 -6.62
CA LEU A 399 14.16 6.55 -7.43
C LEU A 399 15.22 7.61 -7.18
N ALA A 400 14.82 8.89 -7.14
CA ALA A 400 15.78 9.95 -6.90
C ALA A 400 16.47 9.77 -5.55
N TYR A 401 15.70 9.44 -4.51
CA TYR A 401 16.27 9.30 -3.18
C TYR A 401 17.17 8.06 -3.08
N SER A 402 16.79 6.97 -3.75
CA SER A 402 17.66 5.80 -3.78
C SER A 402 18.96 6.13 -4.51
N LEU A 403 18.88 6.92 -5.58
CA LEU A 403 20.10 7.33 -6.28
C LEU A 403 20.97 8.20 -5.38
N VAL A 404 20.37 9.10 -4.61
CA VAL A 404 21.16 9.93 -3.70
C VAL A 404 21.84 9.07 -2.64
N ALA A 405 21.12 8.10 -2.09
CA ALA A 405 21.70 7.21 -1.08
C ALA A 405 22.85 6.40 -1.67
N ALA A 406 22.68 5.89 -2.89
CA ALA A 406 23.78 5.19 -3.55
C ALA A 406 24.95 6.12 -3.81
N CYS A 407 24.68 7.38 -4.14
CA CYS A 407 25.75 8.33 -4.40
C CYS A 407 26.59 8.55 -3.14
N VAL A 408 25.92 8.75 -2.00
CA VAL A 408 26.68 8.93 -0.75
C VAL A 408 27.47 7.66 -0.43
N LEU A 409 26.83 6.50 -0.59
CA LEU A 409 27.51 5.24 -0.28
C LEU A 409 28.77 5.08 -1.13
N VAL A 410 28.68 5.40 -2.43
CA VAL A 410 29.81 5.25 -3.32
C VAL A 410 30.88 6.29 -3.00
N LEU A 411 30.48 7.55 -2.82
CA LEU A 411 31.47 8.61 -2.64
C LEU A 411 32.23 8.46 -1.34
N ARG A 412 31.64 7.81 -0.33
CA ARG A 412 32.39 7.65 0.92
C ARG A 412 33.69 6.88 0.74
N TYR A 413 33.84 6.10 -0.32
CA TYR A 413 35.00 5.22 -0.47
C TYR A 413 35.89 5.57 -1.66
N GLN A 414 35.63 6.66 -2.37
CA GLN A 414 36.51 7.03 -3.47
C GLN A 414 37.68 7.86 -2.98
N PRO A 415 38.85 7.74 -3.62
CA PRO A 415 39.98 8.60 -3.25
C PRO A 415 39.71 10.06 -3.61
N GLU A 416 40.32 10.95 -2.84
CA GLU A 416 40.24 12.37 -3.16
C GLU A 416 40.97 12.64 -4.48
N GLN A 417 40.24 13.12 -5.47
CA GLN A 417 40.80 13.32 -6.80
C GLN A 417 41.67 14.58 -6.83
N PRO A 418 42.61 14.66 -7.78
CA PRO A 418 43.44 15.86 -7.92
C PRO A 418 42.62 17.14 -8.10
N GLU A 454 39.31 -4.81 -13.40
CA GLU A 454 40.75 -4.90 -13.23
C GLU A 454 41.11 -6.13 -12.40
N LYS A 455 42.39 -6.52 -12.45
CA LYS A 455 42.86 -7.67 -11.71
C LYS A 455 42.80 -7.39 -10.20
N PHE A 456 42.68 -8.46 -9.43
CA PHE A 456 42.54 -8.35 -7.99
C PHE A 456 43.02 -9.64 -7.34
N SER A 457 43.28 -9.57 -6.04
CA SER A 457 43.68 -10.71 -5.23
C SER A 457 42.81 -10.76 -3.98
N LEU A 458 42.48 -11.97 -3.54
CA LEU A 458 41.57 -12.12 -2.41
C LEU A 458 42.10 -11.42 -1.17
N LYS A 459 43.42 -11.46 -0.96
CA LYS A 459 43.99 -10.73 0.17
C LYS A 459 43.79 -9.23 0.01
N SER A 460 43.88 -8.73 -1.23
CA SER A 460 43.63 -7.30 -1.47
C SER A 460 42.16 -6.95 -1.29
N ILE A 461 41.26 -7.87 -1.61
CA ILE A 461 39.83 -7.59 -1.54
C ILE A 461 39.34 -7.63 -0.09
N LEU A 462 39.66 -8.69 0.63
CA LEU A 462 39.13 -8.89 1.98
C LEU A 462 39.96 -8.22 3.06
N SER A 463 41.22 -7.89 2.79
CA SER A 463 42.11 -7.34 3.82
C SER A 463 43.05 -6.31 3.21
N PRO A 464 42.50 -5.22 2.66
CA PRO A 464 43.36 -4.12 2.20
C PRO A 464 44.10 -3.48 3.37
N LYS A 465 45.40 -3.28 3.20
CA LYS A 465 46.23 -2.69 4.26
C LYS A 465 46.34 -1.17 4.15
N ASN A 466 45.85 -0.57 3.07
CA ASN A 466 45.98 0.88 2.91
C ASN A 466 45.08 1.59 3.91
N VAL A 467 45.61 2.66 4.51
CA VAL A 467 44.87 3.37 5.56
C VAL A 467 43.87 4.35 4.98
N GLU A 468 43.98 4.70 3.70
CA GLU A 468 43.10 5.66 3.05
C GLU A 468 42.72 5.08 1.69
N PRO A 469 41.58 5.51 1.14
CA PRO A 469 41.07 4.86 -0.08
C PRO A 469 42.04 5.01 -1.25
N SER A 470 42.36 3.88 -1.88
CA SER A 470 43.07 3.87 -3.15
C SER A 470 42.05 3.79 -4.29
N LYS A 471 42.54 4.00 -5.51
CA LYS A 471 41.66 3.85 -6.67
C LYS A 471 41.14 2.43 -6.79
N PHE A 472 41.95 1.45 -6.36
CA PHE A 472 41.49 0.07 -6.32
C PHE A 472 40.32 -0.08 -5.34
N SER A 473 40.45 0.54 -4.16
CA SER A 473 39.35 0.51 -3.20
C SER A 473 38.11 1.18 -3.78
N GLY A 474 38.28 2.30 -4.46
CA GLY A 474 37.14 2.97 -5.06
C GLY A 474 36.46 2.12 -6.11
N LEU A 475 37.24 1.44 -6.95
CA LEU A 475 36.65 0.59 -7.98
C LEU A 475 35.92 -0.59 -7.36
N ILE A 476 36.49 -1.21 -6.33
CA ILE A 476 35.80 -2.33 -5.70
C ILE A 476 34.52 -1.86 -5.03
N VAL A 477 34.52 -0.66 -4.46
CA VAL A 477 33.28 -0.15 -3.85
C VAL A 477 32.26 0.18 -4.94
N ASN A 478 32.69 0.72 -6.08
CA ASN A 478 31.75 0.95 -7.17
C ASN A 478 31.09 -0.35 -7.61
N ILE A 479 31.91 -1.38 -7.84
CA ILE A 479 31.39 -2.67 -8.26
C ILE A 479 30.46 -3.25 -7.20
N SER A 480 30.86 -3.16 -5.93
CA SER A 480 30.06 -3.69 -4.85
C SER A 480 28.72 -2.97 -4.76
N ALA A 481 28.72 -1.64 -4.93
CA ALA A 481 27.48 -0.90 -4.89
C ALA A 481 26.56 -1.30 -6.03
N GLY A 482 27.11 -1.47 -7.23
CA GLY A 482 26.27 -1.89 -8.35
C GLY A 482 25.68 -3.27 -8.14
N LEU A 483 26.52 -4.23 -7.74
CA LEU A 483 26.04 -5.59 -7.48
C LEU A 483 24.99 -5.59 -6.37
N LEU A 484 25.26 -4.83 -5.31
CA LEU A 484 24.32 -4.77 -4.19
C LEU A 484 23.01 -4.13 -4.60
N ALA A 485 23.04 -3.09 -5.44
CA ALA A 485 21.79 -2.49 -5.91
C ALA A 485 20.98 -3.50 -6.70
N ALA A 486 21.63 -4.22 -7.61
CA ALA A 486 20.93 -5.26 -8.36
C ALA A 486 20.37 -6.34 -7.43
N LEU A 487 21.11 -6.65 -6.36
CA LEU A 487 20.69 -7.74 -5.47
C LEU A 487 19.53 -7.34 -4.58
N ILE A 488 19.49 -6.10 -4.07
CA ILE A 488 18.27 -5.65 -3.40
C ILE A 488 17.11 -5.57 -4.38
N ILE A 489 17.37 -5.21 -5.65
CA ILE A 489 16.27 -5.24 -6.61
C ILE A 489 15.71 -6.65 -6.73
N THR A 490 16.60 -7.65 -6.79
CA THR A 490 16.15 -9.03 -6.83
C THR A 490 15.40 -9.43 -5.56
N VAL A 491 15.91 -9.01 -4.40
CA VAL A 491 15.25 -9.33 -3.14
C VAL A 491 13.84 -8.78 -3.11
N CYS A 492 13.67 -7.53 -3.52
CA CYS A 492 12.34 -6.92 -3.53
C CYS A 492 11.44 -7.60 -4.57
N ILE A 493 12.00 -7.95 -5.73
CA ILE A 493 11.20 -8.66 -6.74
C ILE A 493 10.65 -9.95 -6.15
N VAL A 494 11.50 -10.74 -5.51
CA VAL A 494 11.05 -12.01 -4.94
C VAL A 494 10.09 -11.76 -3.79
N ALA A 495 10.30 -10.69 -3.01
CA ALA A 495 9.45 -10.40 -1.87
C ALA A 495 8.09 -9.85 -2.29
N VAL A 496 7.94 -9.41 -3.53
CA VAL A 496 6.69 -8.82 -4.01
C VAL A 496 6.03 -9.69 -5.07
N LEU A 497 6.78 -10.04 -6.13
CA LEU A 497 6.25 -10.95 -7.13
C LEU A 497 6.23 -12.38 -6.64
N GLY A 498 7.24 -12.80 -5.88
CA GLY A 498 7.31 -14.15 -5.37
C GLY A 498 6.75 -14.27 -3.96
N ARG A 499 5.95 -13.29 -3.55
CA ARG A 499 5.45 -13.26 -2.18
C ARG A 499 4.60 -14.49 -1.89
N GLU A 500 3.66 -14.82 -2.79
CA GLU A 500 2.88 -16.04 -2.61
C GLU A 500 3.77 -17.27 -2.74
N ALA A 501 4.75 -17.23 -3.65
CA ALA A 501 5.69 -18.33 -3.77
C ALA A 501 6.49 -18.51 -2.49
N LEU A 502 6.89 -17.40 -1.85
CA LEU A 502 7.60 -17.50 -0.58
C LEU A 502 6.70 -18.06 0.51
N ALA A 503 5.44 -17.61 0.56
CA ALA A 503 4.50 -18.16 1.54
C ALA A 503 4.31 -19.65 1.34
N GLU A 504 4.32 -20.11 0.09
CA GLU A 504 4.25 -21.53 -0.20
C GLU A 504 5.56 -22.26 0.06
N GLY A 505 6.66 -21.54 0.22
CA GLY A 505 7.93 -22.18 0.45
C GLY A 505 8.48 -22.93 -0.73
N THR A 506 8.09 -22.57 -1.95
CA THR A 506 8.60 -23.25 -3.13
C THR A 506 10.12 -23.12 -3.19
N LEU A 507 10.78 -24.19 -3.63
CA LEU A 507 12.22 -24.29 -3.49
C LEU A 507 12.93 -23.15 -4.21
N TRP A 508 12.50 -22.82 -5.43
CA TRP A 508 13.20 -21.80 -6.20
C TRP A 508 13.14 -20.44 -5.51
N ALA A 509 11.96 -20.06 -5.00
CA ALA A 509 11.79 -18.73 -4.41
C ALA A 509 12.59 -18.62 -3.12
N VAL A 510 12.49 -19.61 -2.23
CA VAL A 510 13.23 -19.55 -0.98
C VAL A 510 14.73 -19.60 -1.25
N PHE A 511 15.15 -20.40 -2.23
CA PHE A 511 16.57 -20.46 -2.58
C PHE A 511 17.08 -19.11 -3.05
N VAL A 512 16.37 -18.48 -3.98
CA VAL A 512 16.81 -17.19 -4.50
C VAL A 512 16.80 -16.15 -3.38
N MET A 513 15.77 -16.17 -2.53
CA MET A 513 15.70 -15.21 -1.43
C MET A 513 16.89 -15.35 -0.49
N THR A 514 17.16 -16.58 -0.02
CA THR A 514 18.25 -16.78 0.92
C THR A 514 19.59 -16.42 0.29
N GLY A 515 19.83 -16.86 -0.95
CA GLY A 515 21.07 -16.53 -1.61
C GLY A 515 21.25 -15.03 -1.79
N SER A 516 20.19 -14.35 -2.22
CA SER A 516 20.27 -12.91 -2.43
C SER A 516 20.53 -12.18 -1.13
N VAL A 517 19.86 -12.57 -0.04
CA VAL A 517 20.05 -11.87 1.23
C VAL A 517 21.45 -12.10 1.77
N LEU A 518 21.94 -13.34 1.72
CA LEU A 518 23.28 -13.62 2.21
C LEU A 518 24.33 -12.91 1.37
N LEU A 519 24.16 -12.87 0.06
CA LEU A 519 25.14 -12.18 -0.78
C LEU A 519 25.03 -10.67 -0.62
N CYS A 520 23.84 -10.16 -0.29
CA CYS A 520 23.72 -8.76 0.09
C CYS A 520 24.53 -8.47 1.34
N MET A 521 24.45 -9.35 2.34
CA MET A 521 25.23 -9.14 3.55
C MET A 521 26.72 -9.17 3.21
N LEU A 522 27.13 -10.11 2.35
CA LEU A 522 28.53 -10.24 2.01
C LEU A 522 29.04 -8.99 1.27
N VAL A 523 28.25 -8.48 0.32
CA VAL A 523 28.67 -7.29 -0.41
C VAL A 523 28.71 -6.08 0.53
N THR A 524 27.72 -5.96 1.41
CA THR A 524 27.75 -4.87 2.39
C THR A 524 28.99 -4.98 3.27
N GLY A 525 29.38 -6.20 3.62
CA GLY A 525 30.59 -6.39 4.41
C GLY A 525 31.84 -6.00 3.66
N ILE A 526 31.90 -6.33 2.36
CA ILE A 526 33.08 -5.96 1.58
C ILE A 526 33.17 -4.44 1.47
N ILE A 527 32.04 -3.76 1.34
CA ILE A 527 32.04 -2.30 1.40
C ILE A 527 32.54 -1.83 2.78
N TRP A 528 32.03 -2.45 3.84
CA TRP A 528 32.41 -2.06 5.19
C TRP A 528 33.92 -2.17 5.38
N ARG A 529 34.53 -3.21 4.81
CA ARG A 529 35.95 -3.46 5.03
C ARG A 529 36.84 -2.44 4.35
N GLN A 530 36.34 -1.76 3.32
CA GLN A 530 37.16 -0.78 2.63
C GLN A 530 37.36 0.46 3.48
N PRO A 531 38.51 1.14 3.36
CA PRO A 531 38.73 2.36 4.13
C PRO A 531 37.83 3.49 3.67
N GLU A 532 37.34 4.27 4.63
CA GLU A 532 36.55 5.44 4.31
C GLU A 532 37.45 6.64 4.01
N SER A 533 36.91 7.59 3.27
CA SER A 533 37.64 8.81 2.97
C SER A 533 37.86 9.62 4.24
N LYS A 534 39.12 10.00 4.49
CA LYS A 534 39.43 10.82 5.66
C LYS A 534 38.93 12.25 5.52
N THR A 535 38.46 12.64 4.33
CA THR A 535 37.94 13.99 4.14
C THR A 535 36.90 14.32 5.21
N LYS A 536 37.05 15.49 5.81
CA LYS A 536 36.06 15.96 6.78
C LYS A 536 34.82 16.48 6.06
N LEU A 537 33.66 16.12 6.60
CA LEU A 537 32.38 16.60 6.11
C LEU A 537 31.65 17.31 7.24
N SER A 538 30.86 18.33 6.86
CA SER A 538 30.02 19.01 7.84
C SER A 538 28.95 18.09 8.40
N PHE A 539 28.55 17.05 7.65
CA PHE A 539 27.62 16.06 8.13
C PHE A 539 28.01 14.71 7.55
N LYS A 540 27.82 13.66 8.33
CA LYS A 540 28.04 12.29 7.88
C LYS A 540 26.86 11.42 8.25
N VAL A 541 26.45 10.54 7.35
CA VAL A 541 25.50 9.50 7.74
C VAL A 541 26.18 8.59 8.75
N PRO A 542 25.57 8.30 9.91
CA PRO A 542 26.31 7.57 10.94
C PRO A 542 26.81 6.21 10.47
N PHE A 543 25.90 5.32 10.08
CA PHE A 543 26.24 3.94 9.75
C PHE A 543 26.33 3.80 8.23
N VAL A 544 27.37 4.40 7.66
CA VAL A 544 27.45 4.57 6.21
C VAL A 544 27.46 3.24 5.47
N PRO A 545 27.96 2.13 6.04
CA PRO A 545 27.85 0.86 5.31
C PRO A 545 26.44 0.30 5.30
N VAL A 546 25.65 0.59 6.33
CA VAL A 546 24.34 -0.03 6.53
C VAL A 546 23.21 0.94 6.22
N LEU A 547 23.26 2.15 6.78
CA LEU A 547 22.12 3.04 6.67
C LEU A 547 21.78 3.39 5.22
N PRO A 548 22.73 3.76 4.36
CA PRO A 548 22.37 3.96 2.95
C PRO A 548 21.81 2.71 2.28
N VAL A 549 22.33 1.54 2.64
CA VAL A 549 21.83 0.30 2.04
C VAL A 549 20.39 0.05 2.47
N LEU A 550 20.09 0.26 3.76
CA LEU A 550 18.71 0.12 4.22
C LEU A 550 17.81 1.16 3.59
N SER A 551 18.30 2.37 3.37
CA SER A 551 17.51 3.39 2.69
C SER A 551 17.16 2.94 1.28
N ILE A 552 18.15 2.41 0.56
CA ILE A 552 17.90 1.93 -0.80
C ILE A 552 16.91 0.77 -0.78
N PHE A 553 17.07 -0.15 0.17
CA PHE A 553 16.16 -1.29 0.28
C PHE A 553 14.73 -0.81 0.50
N VAL A 554 14.52 0.06 1.49
CA VAL A 554 13.17 0.52 1.79
C VAL A 554 12.58 1.26 0.60
N ASN A 555 13.38 2.12 -0.04
CA ASN A 555 12.89 2.88 -1.19
C ASN A 555 12.48 1.96 -2.33
N ILE A 556 13.30 0.95 -2.64
CA ILE A 556 12.99 0.06 -3.74
C ILE A 556 11.77 -0.79 -3.42
N TYR A 557 11.64 -1.24 -2.16
CA TYR A 557 10.46 -2.01 -1.78
C TYR A 557 9.20 -1.16 -1.91
N LEU A 558 9.26 0.09 -1.47
CA LEU A 558 8.12 0.98 -1.60
C LEU A 558 7.78 1.21 -3.06
N MET A 559 8.79 1.36 -3.92
CA MET A 559 8.54 1.46 -5.35
C MET A 559 7.85 0.21 -5.88
N MET A 560 8.29 -0.96 -5.40
CA MET A 560 7.68 -2.21 -5.82
C MET A 560 6.24 -2.35 -5.35
N GLN A 561 5.85 -1.62 -4.31
CA GLN A 561 4.44 -1.65 -3.89
C GLN A 561 3.51 -0.92 -4.86
N LEU A 562 4.05 -0.05 -5.71
CA LEU A 562 3.21 0.75 -6.58
C LEU A 562 2.64 -0.09 -7.73
N ASP A 563 1.54 0.40 -8.30
CA ASP A 563 0.78 -0.36 -9.29
C ASP A 563 1.58 -0.53 -10.59
N GLN A 564 1.13 -1.49 -11.40
CA GLN A 564 1.75 -1.72 -12.69
C GLN A 564 1.59 -0.51 -13.60
N GLY A 565 0.45 0.19 -13.51
CA GLY A 565 0.29 1.40 -14.31
C GLY A 565 1.29 2.48 -13.95
N THR A 566 1.55 2.64 -12.65
CA THR A 566 2.57 3.58 -12.22
C THR A 566 3.93 3.21 -12.78
N TRP A 567 4.27 1.92 -12.74
CA TRP A 567 5.55 1.48 -13.28
C TRP A 567 5.62 1.69 -14.79
N VAL A 568 4.53 1.49 -15.50
CA VAL A 568 4.54 1.69 -16.95
C VAL A 568 4.73 3.18 -17.27
N ARG A 569 4.00 4.05 -16.58
CA ARG A 569 4.16 5.48 -16.80
C ARG A 569 5.58 5.92 -16.47
N PHE A 570 6.14 5.40 -15.37
CA PHE A 570 7.50 5.76 -14.99
C PHE A 570 8.50 5.24 -16.01
N ALA A 571 8.29 4.03 -16.51
CA ALA A 571 9.19 3.47 -17.52
C ALA A 571 9.17 4.31 -18.78
N VAL A 572 7.98 4.75 -19.21
CA VAL A 572 7.91 5.61 -20.40
C VAL A 572 8.60 6.94 -20.14
N TRP A 573 8.40 7.53 -18.95
CA TRP A 573 9.07 8.80 -18.64
C TRP A 573 10.57 8.64 -18.68
N MET A 574 11.09 7.58 -18.07
CA MET A 574 12.54 7.34 -18.09
C MET A 574 13.03 7.08 -19.52
N LEU A 575 12.20 6.43 -20.34
CA LEU A 575 12.58 6.21 -21.73
C LEU A 575 12.71 7.53 -22.48
N ILE A 576 11.76 8.44 -22.27
CA ILE A 576 11.89 9.78 -22.87
C ILE A 576 13.15 10.47 -22.38
N GLY A 577 13.42 10.39 -21.07
CA GLY A 577 14.62 11.01 -20.54
C GLY A 577 15.88 10.48 -21.18
N PHE A 578 16.00 9.14 -21.26
CA PHE A 578 17.19 8.54 -21.87
C PHE A 578 17.28 8.85 -23.35
N THR A 579 16.15 8.90 -24.06
CA THR A 579 16.20 9.28 -25.46
C THR A 579 16.75 10.70 -25.61
N ILE A 580 16.29 11.62 -24.78
CA ILE A 580 16.81 12.98 -24.84
C ILE A 580 18.30 13.00 -24.55
N TYR A 581 18.72 12.29 -23.49
CA TYR A 581 20.12 12.35 -23.09
C TYR A 581 21.03 11.76 -24.15
N PHE A 582 20.73 10.53 -24.59
CA PHE A 582 21.60 9.83 -25.51
C PHE A 582 21.55 10.41 -26.91
N GLY A 583 20.42 11.01 -27.30
CA GLY A 583 20.31 11.57 -28.63
C GLY A 583 20.84 12.99 -28.72
N TYR A 584 20.62 13.79 -27.68
CA TYR A 584 20.95 15.21 -27.74
C TYR A 584 21.84 15.66 -26.60
N GLY A 585 21.58 15.15 -25.39
CA GLY A 585 22.24 15.70 -24.20
C GLY A 585 23.75 15.50 -24.22
N ILE A 586 24.20 14.31 -24.61
CA ILE A 586 25.62 14.00 -24.57
C ILE A 586 26.41 14.94 -25.47
N TRP A 587 25.88 15.21 -26.67
CA TRP A 587 26.66 15.91 -27.68
C TRP A 587 26.75 17.41 -27.43
N HIS A 588 25.73 18.00 -26.83
CA HIS A 588 25.70 19.44 -26.59
C HIS A 588 25.98 19.82 -25.14
N SER A 589 26.36 18.86 -24.30
CA SER A 589 26.69 19.17 -22.92
C SER A 589 27.75 20.25 -22.86
N GLU A 590 27.56 21.21 -21.95
CA GLU A 590 28.50 22.32 -21.82
C GLU A 590 29.89 21.87 -21.38
N GLU A 591 30.01 20.67 -20.82
CA GLU A 591 31.31 20.10 -20.46
C GLU A 591 31.95 19.32 -21.60
N ALA A 592 31.26 19.19 -22.74
CA ALA A 592 31.80 18.47 -23.88
C ALA A 592 33.05 19.16 -24.42
N GLN B 40 -40.83 -50.68 9.03
CA GLN B 40 -41.82 -49.94 8.25
C GLN B 40 -41.18 -48.62 7.80
N VAL B 41 -41.78 -47.98 6.80
CA VAL B 41 -41.27 -46.69 6.33
C VAL B 41 -41.60 -45.61 7.35
N TYR B 42 -40.63 -44.74 7.59
CA TYR B 42 -40.78 -43.59 8.47
C TYR B 42 -40.34 -42.35 7.70
N ASN B 43 -40.84 -41.20 8.13
CA ASN B 43 -40.25 -39.92 7.75
C ASN B 43 -38.91 -39.80 8.46
N ILE B 44 -37.84 -40.08 7.72
CA ILE B 44 -36.46 -39.93 8.20
C ILE B 44 -35.97 -38.54 7.81
N THR B 45 -35.28 -37.88 8.74
CA THR B 45 -34.65 -36.60 8.48
C THR B 45 -33.21 -36.67 8.97
N TRP B 46 -32.27 -36.43 8.06
CA TRP B 46 -30.87 -36.26 8.42
C TRP B 46 -30.59 -34.78 8.63
N GLU B 47 -30.10 -34.43 9.82
CA GLU B 47 -29.86 -33.05 10.20
C GLU B 47 -28.37 -32.84 10.45
N VAL B 48 -27.85 -31.72 9.95
CA VAL B 48 -26.50 -31.27 10.21
C VAL B 48 -26.59 -30.01 11.06
N THR B 49 -25.84 -30.00 12.16
CA THR B 49 -25.94 -28.98 13.19
C THR B 49 -24.59 -28.29 13.38
N ASN B 50 -24.63 -27.05 13.82
CA ASN B 50 -23.44 -26.32 14.21
C ASN B 50 -22.88 -26.90 15.51
N GLY B 51 -21.81 -26.29 16.01
CA GLY B 51 -21.21 -26.75 17.25
C GLY B 51 -22.12 -26.62 18.46
N ASP B 52 -23.08 -25.70 18.40
CA ASP B 52 -24.06 -25.54 19.47
C ASP B 52 -25.17 -26.61 19.40
N ARG B 53 -25.05 -27.56 18.48
CA ARG B 53 -26.03 -28.64 18.31
C ARG B 53 -27.40 -28.12 17.91
N GLU B 54 -27.45 -26.95 17.27
CA GLU B 54 -28.66 -26.47 16.62
C GLU B 54 -28.63 -26.85 15.15
N THR B 55 -29.75 -27.36 14.65
CA THR B 55 -29.81 -27.80 13.27
C THR B 55 -29.60 -26.61 12.34
N VAL B 56 -28.63 -26.73 11.42
CA VAL B 56 -28.38 -25.72 10.42
C VAL B 56 -28.73 -26.18 9.02
N TRP B 57 -28.90 -27.49 8.79
CA TRP B 57 -29.28 -28.00 7.49
C TRP B 57 -29.99 -29.33 7.71
N ALA B 58 -30.88 -29.69 6.78
CA ALA B 58 -31.60 -30.94 6.93
C ALA B 58 -32.09 -31.43 5.57
N ILE B 59 -32.30 -32.74 5.49
CA ILE B 59 -32.94 -33.38 4.35
C ILE B 59 -33.87 -34.45 4.88
N SER B 60 -34.98 -34.68 4.17
CA SER B 60 -36.02 -35.59 4.63
C SER B 60 -36.45 -36.52 3.51
N GLY B 61 -36.94 -37.69 3.90
CA GLY B 61 -37.46 -38.66 2.95
C GLY B 61 -38.24 -39.75 3.65
N ASN B 62 -39.22 -40.31 2.95
CA ASN B 62 -39.98 -41.44 3.45
C ASN B 62 -39.22 -42.72 3.11
N HIS B 63 -38.52 -43.27 4.10
CA HIS B 63 -37.69 -44.44 3.88
C HIS B 63 -37.74 -45.31 5.13
N PRO B 64 -37.40 -46.60 5.01
CA PRO B 64 -37.21 -47.41 6.22
C PRO B 64 -35.96 -46.99 6.98
N LEU B 65 -36.01 -47.16 8.29
CA LEU B 65 -34.90 -46.73 9.14
C LEU B 65 -33.63 -47.51 8.79
N TRP B 66 -32.51 -46.79 8.81
CA TRP B 66 -31.18 -47.36 8.54
C TRP B 66 -31.03 -47.89 7.12
N THR B 67 -31.96 -47.58 6.22
CA THR B 67 -31.86 -47.99 4.83
C THR B 67 -31.51 -46.84 3.90
N TRP B 68 -31.77 -45.60 4.30
CA TRP B 68 -31.59 -44.43 3.44
C TRP B 68 -30.37 -43.67 3.93
N TRP B 69 -29.37 -43.54 3.05
CA TRP B 69 -28.08 -42.93 3.38
C TRP B 69 -27.73 -41.90 2.32
N PRO B 70 -28.46 -40.79 2.27
CA PRO B 70 -28.23 -39.79 1.24
C PRO B 70 -26.90 -39.08 1.42
N VAL B 71 -26.48 -38.37 0.39
CA VAL B 71 -25.33 -37.48 0.50
C VAL B 71 -25.80 -36.18 1.13
N LEU B 72 -25.23 -35.85 2.29
CA LEU B 72 -25.55 -34.59 2.94
C LEU B 72 -24.74 -33.47 2.31
N THR B 73 -25.41 -32.36 2.02
CA THR B 73 -24.77 -31.22 1.35
C THR B 73 -24.96 -29.94 2.14
N PRO B 74 -24.61 -29.94 3.43
CA PRO B 74 -24.62 -28.68 4.19
C PRO B 74 -23.51 -27.75 3.70
N ASP B 75 -23.77 -26.45 3.82
CA ASP B 75 -22.74 -25.47 3.50
C ASP B 75 -21.75 -25.38 4.67
N LEU B 76 -20.47 -25.29 4.33
CA LEU B 76 -19.46 -25.11 5.37
C LEU B 76 -19.75 -23.88 6.21
N CYS B 77 -20.39 -22.87 5.61
CA CYS B 77 -20.72 -21.65 6.33
C CYS B 77 -21.92 -21.84 7.25
N MET B 78 -22.85 -22.74 6.90
CA MET B 78 -23.95 -23.05 7.80
C MET B 78 -23.42 -23.65 9.10
N LEU B 79 -22.37 -24.47 9.00
CA LEU B 79 -21.78 -25.06 10.20
C LEU B 79 -21.22 -23.98 11.13
N ALA B 80 -20.83 -22.84 10.58
CA ALA B 80 -20.21 -21.77 11.34
C ALA B 80 -21.22 -20.80 11.96
N LEU B 81 -22.51 -20.96 11.65
CA LEU B 81 -23.52 -20.09 12.25
C LEU B 81 -23.50 -20.26 13.76
N SER B 82 -23.40 -19.14 14.48
CA SER B 82 -23.24 -19.13 15.94
C SER B 82 -21.98 -19.88 16.37
N GLY B 83 -21.03 -20.07 15.47
CA GLY B 83 -19.84 -20.81 15.75
C GLY B 83 -18.70 -19.94 16.23
N PRO B 84 -17.46 -20.38 16.00
CA PRO B 84 -16.30 -19.64 16.49
C PRO B 84 -16.24 -18.24 15.89
N PRO B 85 -15.63 -17.28 16.59
CA PRO B 85 -15.62 -15.90 16.09
C PRO B 85 -14.91 -15.73 14.76
N HIS B 86 -13.97 -16.61 14.42
CA HIS B 86 -13.21 -16.44 13.19
C HIS B 86 -14.11 -16.34 11.97
N TRP B 87 -15.13 -17.20 11.88
CA TRP B 87 -15.96 -17.26 10.70
C TRP B 87 -16.85 -16.03 10.55
N GLY B 88 -17.00 -15.23 11.60
CA GLY B 88 -17.81 -14.03 11.52
C GLY B 88 -19.29 -14.25 11.57
N LEU B 89 -19.74 -15.46 11.93
CA LEU B 89 -21.16 -15.80 11.98
C LEU B 89 -21.61 -16.13 13.40
N GLU B 90 -20.84 -15.74 14.42
CA GLU B 90 -21.12 -16.14 15.78
C GLU B 90 -22.42 -15.56 16.34
N TYR B 91 -22.98 -14.53 15.69
CA TYR B 91 -24.26 -13.95 16.11
C TYR B 91 -25.37 -14.20 15.11
N GLN B 92 -25.15 -15.07 14.11
CA GLN B 92 -26.15 -15.36 13.09
C GLN B 92 -26.89 -16.63 13.46
N ALA B 93 -28.21 -16.59 13.36
CA ALA B 93 -29.04 -17.73 13.72
C ALA B 93 -28.97 -18.81 12.64
N PRO B 94 -29.28 -20.05 12.99
CA PRO B 94 -29.40 -21.10 11.97
C PRO B 94 -30.46 -20.74 10.94
N TYR B 95 -30.21 -21.13 9.69
CA TYR B 95 -31.07 -20.84 8.55
C TYR B 95 -31.09 -19.37 8.19
N SER B 96 -30.23 -18.55 8.78
CA SER B 96 -30.17 -17.15 8.42
C SER B 96 -29.58 -16.98 7.03
N SER B 97 -29.98 -15.89 6.36
CA SER B 97 -29.52 -15.64 5.01
C SER B 97 -28.04 -15.29 5.01
N PRO B 98 -27.35 -15.52 3.90
CA PRO B 98 -25.92 -15.19 3.85
C PRO B 98 -25.69 -13.70 4.08
N PRO B 99 -24.91 -13.33 5.08
CA PRO B 99 -24.67 -11.91 5.34
C PRO B 99 -23.72 -11.32 4.31
N GLY B 100 -23.72 -9.99 4.25
CA GLY B 100 -22.82 -9.28 3.39
C GLY B 100 -23.52 -8.68 2.18
N PRO B 101 -22.97 -7.60 1.66
CA PRO B 101 -23.59 -6.93 0.50
C PRO B 101 -23.34 -7.69 -0.78
N PRO B 102 -24.19 -7.51 -1.80
CA PRO B 102 -24.02 -8.26 -3.04
C PRO B 102 -22.77 -7.84 -3.81
N CYS B 103 -22.22 -8.79 -4.56
CA CYS B 103 -21.14 -8.49 -5.47
C CYS B 103 -21.70 -7.73 -6.68
N CYS B 104 -20.96 -6.73 -7.16
CA CYS B 104 -21.43 -6.00 -8.34
C CYS B 104 -21.46 -6.90 -9.57
N SER B 105 -20.69 -7.98 -9.59
CA SER B 105 -20.68 -8.92 -10.69
C SER B 105 -21.80 -9.96 -10.60
N GLY B 106 -22.68 -9.84 -9.61
CA GLY B 106 -23.76 -10.80 -9.45
C GLY B 106 -24.76 -10.73 -10.59
N SER B 107 -25.59 -11.78 -10.67
CA SER B 107 -26.60 -11.84 -11.72
C SER B 107 -27.60 -10.71 -11.61
N SER B 108 -27.71 -10.07 -10.44
CA SER B 108 -28.56 -8.89 -10.29
C SER B 108 -27.91 -7.63 -10.84
N GLY B 109 -26.65 -7.70 -11.27
CA GLY B 109 -25.97 -6.54 -11.80
C GLY B 109 -25.60 -5.55 -10.70
N SER B 110 -25.19 -4.37 -11.16
CA SER B 110 -24.80 -3.32 -10.23
C SER B 110 -26.02 -2.81 -9.47
N SER B 111 -25.78 -2.39 -8.23
CA SER B 111 -26.83 -1.84 -7.38
C SER B 111 -26.17 -0.98 -6.31
N ALA B 112 -27.02 -0.30 -5.53
CA ALA B 112 -26.52 0.59 -4.49
C ALA B 112 -25.64 -0.17 -3.51
N GLY B 113 -24.46 0.36 -3.24
CA GLY B 113 -23.57 -0.19 -2.24
C GLY B 113 -22.94 -1.52 -2.59
N CYS B 114 -23.04 -1.98 -3.84
CA CYS B 114 -22.49 -3.27 -4.19
C CYS B 114 -20.96 -3.23 -4.08
N SER B 115 -20.39 -4.38 -3.73
CA SER B 115 -18.95 -4.49 -3.54
C SER B 115 -18.26 -4.94 -4.82
N ARG B 116 -17.06 -4.39 -5.06
CA ARG B 116 -16.18 -4.87 -6.11
C ARG B 116 -15.11 -5.82 -5.58
N ASP B 117 -15.08 -6.06 -4.27
CA ASP B 117 -14.10 -6.98 -3.70
C ASP B 117 -14.21 -8.36 -4.33
N CYS B 118 -15.39 -8.72 -4.85
CA CYS B 118 -15.58 -10.02 -5.47
C CYS B 118 -14.78 -10.14 -6.77
N ASP B 119 -14.33 -9.03 -7.33
CA ASP B 119 -13.49 -9.01 -8.52
C ASP B 119 -12.03 -8.71 -8.22
N GLU B 120 -11.75 -7.95 -7.15
CA GLU B 120 -10.39 -7.63 -6.79
C GLU B 120 -9.66 -8.90 -6.35
N PRO B 121 -8.32 -8.89 -6.38
CA PRO B 121 -7.57 -10.06 -5.89
C PRO B 121 -7.93 -10.38 -4.45
N LEU B 122 -8.05 -11.68 -4.17
CA LEU B 122 -8.43 -12.16 -2.84
C LEU B 122 -7.23 -12.50 -1.97
N THR B 123 -6.01 -12.23 -2.43
CA THR B 123 -4.82 -12.66 -1.70
C THR B 123 -4.79 -12.10 -0.29
N SER B 124 -5.29 -10.88 -0.09
CA SER B 124 -5.26 -10.25 1.22
C SER B 124 -6.47 -10.60 2.09
N LEU B 125 -7.45 -11.30 1.54
CA LEU B 125 -8.65 -11.61 2.31
C LEU B 125 -8.43 -12.82 3.20
N THR B 126 -9.19 -12.87 4.30
CA THR B 126 -9.22 -14.02 5.19
C THR B 126 -10.20 -15.06 4.66
N PRO B 127 -9.87 -16.35 4.68
CA PRO B 127 -10.87 -17.36 4.32
C PRO B 127 -11.92 -17.49 5.41
N ARG B 128 -13.10 -16.96 5.16
CA ARG B 128 -14.18 -16.97 6.15
C ARG B 128 -15.50 -16.79 5.40
N CYS B 129 -16.59 -16.82 6.16
CA CYS B 129 -17.94 -16.86 5.61
C CYS B 129 -18.69 -15.55 5.76
N ASN B 130 -18.02 -14.48 6.18
CA ASN B 130 -18.74 -13.27 6.56
C ASN B 130 -19.17 -12.42 5.37
N THR B 131 -18.54 -12.59 4.21
CA THR B 131 -18.86 -11.80 3.03
C THR B 131 -18.75 -12.67 1.79
N ALA B 132 -19.37 -12.21 0.71
CA ALA B 132 -19.33 -12.95 -0.54
C ALA B 132 -17.89 -13.10 -1.04
N TRP B 133 -17.08 -12.04 -0.90
CA TRP B 133 -15.69 -12.15 -1.29
C TRP B 133 -14.89 -12.96 -0.28
N ASN B 134 -15.23 -12.87 1.00
CA ASN B 134 -14.61 -13.78 1.97
C ASN B 134 -15.03 -15.22 1.71
N ARG B 135 -16.26 -15.44 1.24
CA ARG B 135 -16.66 -16.79 0.86
C ARG B 135 -15.93 -17.27 -0.39
N LEU B 136 -15.65 -16.37 -1.34
CA LEU B 136 -14.76 -16.72 -2.45
C LEU B 136 -13.37 -17.10 -1.94
N LYS B 137 -12.83 -16.35 -0.99
CA LYS B 137 -11.52 -16.70 -0.46
C LYS B 137 -11.55 -18.05 0.25
N LEU B 138 -12.63 -18.33 0.99
CA LEU B 138 -12.78 -19.62 1.63
C LEU B 138 -12.87 -20.74 0.60
N ASP B 139 -13.60 -20.49 -0.50
CA ASP B 139 -13.70 -21.48 -1.56
C ASP B 139 -12.34 -21.75 -2.17
N GLN B 140 -11.57 -20.69 -2.42
CA GLN B 140 -10.21 -20.84 -2.93
C GLN B 140 -9.35 -21.65 -1.98
N VAL B 141 -9.40 -21.34 -0.68
CA VAL B 141 -8.57 -22.04 0.29
C VAL B 141 -8.96 -23.51 0.37
N THR B 142 -10.26 -23.80 0.27
CA THR B 142 -10.72 -25.18 0.31
C THR B 142 -10.44 -25.93 -0.99
N HIS B 143 -10.20 -25.21 -2.09
CA HIS B 143 -9.93 -25.84 -3.38
C HIS B 143 -8.46 -25.89 -3.76
N LYS B 144 -7.66 -24.91 -3.34
CA LYS B 144 -6.26 -24.87 -3.75
C LYS B 144 -5.55 -26.13 -3.28
N SER B 145 -4.71 -26.70 -4.15
CA SER B 145 -4.08 -27.98 -3.84
C SER B 145 -3.22 -27.88 -2.59
N SER B 146 -2.45 -26.80 -2.46
CA SER B 146 -1.61 -26.63 -1.28
C SER B 146 -2.46 -26.46 -0.02
N GLU B 147 -3.50 -25.65 -0.10
CA GLU B 147 -4.40 -25.43 1.02
C GLU B 147 -5.49 -26.49 1.01
N GLY B 148 -6.45 -26.37 1.92
CA GLY B 148 -7.53 -27.32 1.97
C GLY B 148 -8.18 -27.31 3.35
N PHE B 149 -8.88 -28.40 3.64
CA PHE B 149 -9.54 -28.58 4.92
C PHE B 149 -9.46 -30.05 5.31
N TYR B 150 -9.39 -30.29 6.61
CA TYR B 150 -9.36 -31.65 7.15
C TYR B 150 -10.32 -31.77 8.31
N VAL B 151 -10.80 -32.99 8.52
CA VAL B 151 -11.87 -33.29 9.47
C VAL B 151 -11.41 -34.39 10.40
N CYS B 152 -11.71 -34.23 11.70
CA CYS B 152 -11.32 -35.18 12.73
C CYS B 152 -12.56 -35.62 13.51
N PRO B 153 -12.61 -36.88 13.94
CA PRO B 153 -13.79 -37.36 14.66
C PRO B 153 -13.83 -36.91 16.12
N GLY B 154 -15.04 -36.78 16.63
CA GLY B 154 -15.26 -36.34 18.00
C GLY B 154 -15.45 -37.49 18.98
N SER B 155 -16.55 -37.44 19.74
CA SER B 155 -16.76 -38.39 20.83
C SER B 155 -16.76 -39.83 20.36
N HIS B 156 -17.09 -40.09 19.09
CA HIS B 156 -17.16 -41.46 18.59
C HIS B 156 -15.79 -42.04 18.25
N ARG B 157 -14.72 -41.25 18.33
CA ARG B 157 -13.40 -41.75 18.04
C ARG B 157 -13.01 -42.83 19.06
N PRO B 158 -12.18 -43.80 18.65
CA PRO B 158 -11.72 -44.80 19.62
C PRO B 158 -10.90 -44.17 20.73
N ARG B 159 -10.90 -44.84 21.88
CA ARG B 159 -10.20 -44.31 23.05
C ARG B 159 -8.72 -44.09 22.78
N GLU B 160 -8.13 -44.84 21.83
CA GLU B 160 -6.74 -44.62 21.48
C GLU B 160 -6.51 -43.21 20.95
N ALA B 161 -7.56 -42.55 20.45
CA ALA B 161 -7.48 -41.18 19.97
C ALA B 161 -7.76 -40.17 21.06
N LYS B 162 -7.66 -40.56 22.33
CA LYS B 162 -7.93 -39.63 23.43
C LYS B 162 -6.99 -38.44 23.38
N SER B 163 -5.74 -38.68 22.96
CA SER B 163 -4.76 -37.59 22.87
C SER B 163 -5.15 -36.54 21.84
N CYS B 164 -6.07 -36.87 20.93
CA CYS B 164 -6.40 -35.94 19.85
C CYS B 164 -6.93 -34.62 20.38
N GLY B 165 -7.65 -34.65 21.49
CA GLY B 165 -8.11 -33.43 22.13
C GLY B 165 -9.62 -33.22 21.95
N GLY B 166 -10.14 -32.28 22.74
CA GLY B 166 -11.55 -32.00 22.76
C GLY B 166 -11.96 -30.88 21.81
N PRO B 167 -13.12 -30.27 22.07
CA PRO B 167 -13.59 -29.21 21.18
C PRO B 167 -12.64 -28.03 21.05
N ASP B 168 -11.82 -27.77 22.09
CA ASP B 168 -10.88 -26.66 21.99
C ASP B 168 -9.92 -26.84 20.83
N SER B 169 -9.54 -28.09 20.53
CA SER B 169 -8.65 -28.40 19.42
C SER B 169 -9.39 -28.80 18.16
N PHE B 170 -10.73 -28.77 18.17
CA PHE B 170 -11.53 -29.33 17.07
C PHE B 170 -11.14 -30.77 16.81
N TYR B 171 -10.72 -31.48 17.87
CA TYR B 171 -10.29 -32.87 17.78
C TYR B 171 -9.13 -33.05 16.80
N CYS B 172 -8.43 -31.97 16.47
CA CYS B 172 -7.32 -32.02 15.53
C CYS B 172 -6.05 -31.46 16.15
N ALA B 173 -5.74 -31.83 17.39
CA ALA B 173 -4.59 -31.26 18.07
C ALA B 173 -3.30 -31.52 17.31
N SER B 174 -3.22 -32.64 16.59
CA SER B 174 -2.02 -32.98 15.84
C SER B 174 -2.41 -33.84 14.65
N TRP B 175 -1.51 -33.89 13.66
CA TRP B 175 -1.76 -34.66 12.46
C TRP B 175 -1.84 -36.15 12.79
N GLY B 176 -2.65 -36.86 12.01
CA GLY B 176 -2.98 -38.24 12.26
C GLY B 176 -4.35 -38.43 12.88
N CYS B 177 -4.86 -37.41 13.57
CA CYS B 177 -6.25 -37.44 14.04
C CYS B 177 -7.24 -37.18 12.91
N GLU B 178 -6.83 -36.47 11.86
CA GLU B 178 -7.73 -36.21 10.76
C GLU B 178 -7.98 -37.49 9.97
N THR B 179 -9.26 -37.81 9.77
CA THR B 179 -9.63 -39.03 9.09
C THR B 179 -10.12 -38.81 7.66
N THR B 180 -10.57 -37.59 7.33
CA THR B 180 -11.09 -37.30 6.00
C THR B 180 -10.79 -35.84 5.68
N GLY B 181 -11.44 -35.32 4.66
CA GLY B 181 -11.21 -33.96 4.18
C GLY B 181 -10.31 -33.92 2.97
N ARG B 182 -10.40 -32.82 2.23
CA ARG B 182 -9.62 -32.63 1.00
C ARG B 182 -8.35 -31.86 1.33
N VAL B 183 -7.24 -32.59 1.34
CA VAL B 183 -5.89 -32.04 1.42
C VAL B 183 -5.01 -32.87 0.50
N TYR B 184 -3.75 -32.45 0.38
CA TYR B 184 -2.87 -33.11 -0.59
C TYR B 184 -2.55 -34.55 -0.18
N TRP B 185 -2.51 -34.85 1.12
CA TRP B 185 -2.18 -36.21 1.54
C TRP B 185 -3.39 -37.13 1.62
N LYS B 186 -4.57 -36.67 1.24
CA LYS B 186 -5.76 -37.51 1.12
C LYS B 186 -5.94 -38.43 2.33
N PRO B 187 -6.15 -37.87 3.52
CA PRO B 187 -6.38 -38.72 4.70
C PRO B 187 -7.65 -39.55 4.54
N SER B 188 -7.61 -40.76 5.09
CA SER B 188 -8.75 -41.66 5.04
C SER B 188 -8.74 -42.52 6.29
N SER B 189 -9.89 -43.14 6.56
CA SER B 189 -10.05 -44.01 7.72
C SER B 189 -10.93 -45.19 7.36
N SER B 190 -10.59 -46.36 7.90
CA SER B 190 -11.41 -47.55 7.73
C SER B 190 -12.55 -47.63 8.73
N TRP B 191 -12.62 -46.71 9.69
CA TRP B 191 -13.60 -46.76 10.77
C TRP B 191 -14.40 -45.49 10.97
N ASP B 192 -13.93 -44.34 10.48
CA ASP B 192 -14.71 -43.11 10.62
C ASP B 192 -16.01 -43.23 9.82
N TYR B 193 -17.05 -42.59 10.34
CA TYR B 193 -18.42 -42.82 9.85
C TYR B 193 -18.77 -41.98 8.62
N ILE B 194 -18.01 -40.94 8.30
CA ILE B 194 -18.32 -40.10 7.15
C ILE B 194 -17.05 -39.77 6.37
N THR B 195 -17.26 -39.39 5.12
CA THR B 195 -16.23 -38.76 4.29
C THR B 195 -16.73 -37.40 3.85
N VAL B 196 -15.82 -36.44 3.79
CA VAL B 196 -16.15 -35.05 3.50
C VAL B 196 -15.30 -34.56 2.34
N ASP B 197 -15.93 -33.84 1.41
CA ASP B 197 -15.24 -33.31 0.25
C ASP B 197 -15.95 -32.03 -0.17
N ASN B 198 -15.29 -31.26 -1.03
CA ASN B 198 -15.98 -30.12 -1.64
C ASN B 198 -17.02 -30.64 -2.63
N ASN B 199 -18.14 -29.92 -2.71
CA ASN B 199 -19.26 -30.37 -3.55
C ASN B 199 -19.25 -29.73 -4.93
N LEU B 200 -19.00 -28.42 -5.02
CA LEU B 200 -18.90 -27.73 -6.29
C LEU B 200 -17.43 -27.50 -6.65
N THR B 201 -17.16 -27.48 -7.95
CA THR B 201 -15.85 -27.08 -8.41
C THR B 201 -15.68 -25.57 -8.25
N THR B 202 -14.44 -25.12 -8.39
CA THR B 202 -14.15 -23.70 -8.21
C THR B 202 -14.97 -22.85 -9.18
N SER B 203 -15.00 -23.25 -10.45
CA SER B 203 -15.76 -22.49 -11.44
C SER B 203 -17.25 -22.49 -11.13
N GLN B 204 -17.78 -23.62 -10.66
CA GLN B 204 -19.19 -23.68 -10.32
C GLN B 204 -19.50 -22.84 -9.09
N ALA B 205 -18.59 -22.83 -8.11
CA ALA B 205 -18.83 -22.13 -6.86
C ALA B 205 -18.65 -20.63 -6.98
N VAL B 206 -17.79 -20.17 -7.90
CA VAL B 206 -17.49 -18.75 -8.00
C VAL B 206 -18.76 -17.95 -8.32
N GLN B 207 -19.54 -18.42 -9.30
CA GLN B 207 -20.75 -17.70 -9.66
C GLN B 207 -21.80 -17.75 -8.57
N VAL B 208 -21.89 -18.87 -7.85
CA VAL B 208 -22.83 -18.93 -6.73
C VAL B 208 -22.41 -17.94 -5.66
N CYS B 209 -21.10 -17.76 -5.44
CA CYS B 209 -20.64 -16.76 -4.48
C CYS B 209 -20.99 -15.35 -4.94
N LYS B 210 -20.73 -15.04 -6.21
CA LYS B 210 -21.02 -13.69 -6.69
C LYS B 210 -22.51 -13.35 -6.58
N ASP B 211 -23.37 -14.36 -6.66
CA ASP B 211 -24.79 -14.12 -6.46
C ASP B 211 -25.15 -13.85 -5.01
N ASN B 212 -24.16 -13.83 -4.12
CA ASN B 212 -24.37 -13.56 -2.69
C ASN B 212 -25.19 -14.66 -2.02
N LYS B 213 -25.08 -15.89 -2.52
CA LYS B 213 -25.73 -17.05 -1.93
C LYS B 213 -24.71 -17.89 -1.16
N TRP B 214 -25.21 -18.86 -0.42
CA TRP B 214 -24.32 -19.85 0.18
C TRP B 214 -23.63 -20.62 -0.94
N CYS B 215 -22.29 -20.62 -0.91
CA CYS B 215 -21.54 -21.11 -2.07
C CYS B 215 -20.34 -21.95 -1.66
N ASN B 216 -20.31 -22.48 -0.44
CA ASN B 216 -19.28 -23.42 0.00
C ASN B 216 -19.94 -24.73 0.43
N PRO B 217 -20.71 -25.35 -0.45
CA PRO B 217 -21.40 -26.60 -0.07
C PRO B 217 -20.42 -27.75 0.09
N LEU B 218 -20.48 -28.40 1.25
CA LEU B 218 -19.76 -29.65 1.44
C LEU B 218 -20.56 -30.81 0.86
N ALA B 219 -19.86 -31.89 0.56
CA ALA B 219 -20.47 -33.16 0.22
C ALA B 219 -20.01 -34.17 1.26
N ILE B 220 -20.95 -34.67 2.06
CA ILE B 220 -20.69 -35.63 3.11
C ILE B 220 -21.37 -36.93 2.74
N GLN B 221 -20.59 -38.02 2.72
CA GLN B 221 -21.08 -39.34 2.34
C GLN B 221 -20.86 -40.30 3.48
N PHE B 222 -21.88 -41.09 3.82
CA PHE B 222 -21.76 -42.08 4.88
C PHE B 222 -20.84 -43.21 4.43
N THR B 223 -19.87 -43.54 5.28
CA THR B 223 -19.04 -44.70 5.04
C THR B 223 -19.79 -45.98 5.37
N ASN B 224 -19.21 -47.11 4.99
CA ASN B 224 -19.80 -48.39 5.34
C ASN B 224 -19.92 -48.53 6.86
N ALA B 225 -18.91 -48.05 7.59
CA ALA B 225 -18.99 -48.04 9.04
C ALA B 225 -20.17 -47.21 9.51
N GLY B 226 -20.35 -46.02 8.92
CA GLY B 226 -21.52 -45.22 9.24
C GLY B 226 -22.81 -45.93 8.90
N LYS B 227 -22.82 -46.68 7.79
CA LYS B 227 -24.03 -47.38 7.39
C LYS B 227 -24.37 -48.52 8.34
N GLN B 228 -23.37 -49.13 8.97
CA GLN B 228 -23.62 -50.13 10.00
C GLN B 228 -23.88 -49.53 11.37
N VAL B 229 -23.40 -48.32 11.64
CA VAL B 229 -23.62 -47.71 12.95
C VAL B 229 -25.06 -47.26 13.08
N THR B 230 -25.62 -47.40 14.29
CA THR B 230 -27.00 -47.05 14.55
C THR B 230 -27.17 -46.03 15.67
N SER B 231 -26.08 -45.50 16.22
CA SER B 231 -26.15 -44.50 17.28
C SER B 231 -26.43 -43.10 16.76
N TRP B 232 -26.76 -42.96 15.47
CA TRP B 232 -27.03 -41.64 14.89
C TRP B 232 -28.19 -40.93 15.60
N THR B 233 -29.05 -41.68 16.29
CA THR B 233 -30.13 -41.03 17.02
C THR B 233 -29.60 -40.07 18.08
N THR B 234 -28.42 -40.36 18.64
CA THR B 234 -27.77 -39.45 19.57
C THR B 234 -26.87 -38.44 18.87
N GLY B 235 -26.60 -38.61 17.58
CA GLY B 235 -25.75 -37.69 16.84
C GLY B 235 -24.28 -37.93 17.08
N HIS B 236 -23.46 -37.66 16.07
CA HIS B 236 -22.01 -37.73 16.17
C HIS B 236 -21.41 -36.43 15.64
N TYR B 237 -20.29 -36.04 16.23
CA TYR B 237 -19.72 -34.72 15.98
C TYR B 237 -18.29 -34.83 15.47
N TRP B 238 -17.96 -33.92 14.55
CA TRP B 238 -16.64 -33.83 13.96
C TRP B 238 -16.14 -32.39 14.07
N GLY B 239 -14.82 -32.25 14.01
CA GLY B 239 -14.19 -30.95 13.89
C GLY B 239 -13.61 -30.78 12.50
N LEU B 240 -13.70 -29.58 11.96
CA LEU B 240 -13.17 -29.26 10.65
C LEU B 240 -12.25 -28.06 10.78
N ARG B 241 -11.07 -28.16 10.16
CA ARG B 241 -10.11 -27.06 10.20
C ARG B 241 -9.52 -26.84 8.82
N LEU B 242 -9.37 -25.57 8.45
CA LEU B 242 -8.70 -25.22 7.21
C LEU B 242 -7.20 -25.40 7.35
N TYR B 243 -6.56 -25.90 6.31
CA TYR B 243 -5.12 -26.10 6.28
C TYR B 243 -4.50 -24.84 5.67
N VAL B 244 -4.05 -23.93 6.52
CA VAL B 244 -3.57 -22.62 6.12
C VAL B 244 -2.29 -22.32 6.88
N SER B 245 -1.50 -21.39 6.33
CA SER B 245 -0.26 -20.94 6.97
C SER B 245 -0.60 -20.06 8.16
N GLY B 246 -1.05 -20.71 9.24
CA GLY B 246 -1.43 -19.98 10.44
C GLY B 246 -2.02 -20.89 11.49
N ARG B 247 -2.99 -20.34 12.23
CA ARG B 247 -3.59 -21.03 13.36
C ARG B 247 -4.53 -22.16 12.95
N ASP B 248 -4.79 -22.32 11.65
CA ASP B 248 -5.74 -23.33 11.18
C ASP B 248 -7.09 -23.15 11.86
N PRO B 249 -7.84 -22.11 11.50
CA PRO B 249 -9.16 -21.91 12.12
C PRO B 249 -10.09 -23.08 11.82
N GLY B 250 -10.99 -23.34 12.75
CA GLY B 250 -11.87 -24.50 12.63
C GLY B 250 -13.22 -24.27 13.27
N LEU B 251 -14.07 -25.28 13.12
CA LEU B 251 -15.41 -25.28 13.69
C LEU B 251 -15.79 -26.71 14.03
N THR B 252 -16.81 -26.86 14.86
CA THR B 252 -17.40 -28.16 15.16
C THR B 252 -18.75 -28.27 14.48
N PHE B 253 -19.02 -29.43 13.90
CA PHE B 253 -20.33 -29.71 13.32
C PHE B 253 -20.78 -31.10 13.76
N GLY B 254 -22.07 -31.35 13.63
CA GLY B 254 -22.63 -32.62 14.03
C GLY B 254 -23.63 -33.13 12.99
N ILE B 255 -23.82 -34.44 13.00
CA ILE B 255 -24.80 -35.11 12.17
C ILE B 255 -25.68 -35.95 13.07
N ARG B 256 -26.99 -35.85 12.89
CA ARG B 256 -27.93 -36.59 13.71
C ARG B 256 -29.14 -36.99 12.90
N LEU B 257 -29.79 -38.06 13.35
CA LEU B 257 -30.99 -38.58 12.71
C LEU B 257 -32.20 -38.29 13.57
N ARG B 258 -33.27 -37.83 12.94
CA ARG B 258 -34.58 -37.75 13.57
C ARG B 258 -35.57 -38.49 12.68
N TYR B 259 -36.61 -39.03 13.30
CA TYR B 259 -37.56 -39.82 12.53
C TYR B 259 -38.92 -39.80 13.20
N GLN B 260 -39.95 -39.97 12.39
CA GLN B 260 -41.31 -40.02 12.90
C GLN B 260 -42.17 -40.88 11.99
N ASN B 261 -43.34 -41.26 12.49
CA ASN B 261 -44.24 -42.11 11.73
C ASN B 261 -44.77 -41.37 10.51
N LEU B 262 -45.00 -42.13 9.44
CA LEU B 262 -45.51 -41.56 8.19
C LEU B 262 -46.42 -42.56 7.48
C1 NAG C . -41.08 -35.08 7.28
C2 NAG C . -42.26 -34.17 6.92
C3 NAG C . -41.75 -32.81 6.47
C4 NAG C . -40.83 -32.20 7.51
C5 NAG C . -39.71 -33.19 7.87
C6 NAG C . -38.86 -32.72 9.02
C7 NAG C . -44.14 -35.57 6.19
C8 NAG C . -44.89 -36.11 5.00
N2 NAG C . -43.09 -34.78 5.90
O3 NAG C . -42.87 -31.95 6.25
O4 NAG C . -40.24 -31.01 7.02
O5 NAG C . -40.27 -34.44 8.27
O6 NAG C . -39.48 -32.99 10.27
O7 NAG C . -44.46 -35.82 7.34
H3 NAG C . -41.26 -32.91 5.64
H4 NAG C . -41.34 -32.00 8.32
H5 NAG C . -39.15 -33.33 7.08
H61 NAG C . -38.73 -31.75 8.94
H62 NAG C . -37.99 -33.16 8.99
H81 NAG C . -45.62 -36.67 5.32
H82 NAG C . -44.28 -36.63 4.45
H83 NAG C . -45.25 -35.37 4.48
HN2 NAG C . -42.89 -34.62 5.03
HO3 NAG C . -42.67 -31.13 6.53
C1 NAG C . -40.55 -29.90 7.89
C2 NAG C . -39.53 -28.78 7.68
C3 NAG C . -39.88 -27.58 8.55
C4 NAG C . -41.30 -27.12 8.24
C5 NAG C . -42.26 -28.28 8.46
C6 NAG C . -43.69 -27.95 8.11
C7 NAG C . -37.65 -29.44 9.13
C8 NAG C . -36.22 -29.89 9.17
N2 NAG C . -38.16 -29.22 7.92
O3 NAG C . -38.94 -26.54 8.33
O4 NAG C . -41.69 -26.05 9.09
O5 NAG C . -41.88 -29.41 7.65
O6 NAG C . -44.48 -29.13 7.96
O7 NAG C . -38.32 -29.31 10.16
H3 NAG C . -39.85 -27.83 9.49
H4 NAG C . -41.37 -26.87 7.30
H5 NAG C . -42.23 -28.55 9.40
H61 NAG C . -43.70 -27.45 7.27
H62 NAG C . -44.08 -27.40 8.81
H81 NAG C . -35.94 -30.02 10.09
H82 NAG C . -35.66 -29.21 8.75
H83 NAG C . -36.13 -30.73 8.67
HN2 NAG C . -37.62 -29.34 7.20
HO3 NAG C . -38.24 -26.65 8.86
HO6 NAG C . -43.98 -29.78 7.61
C1 BMA C . -41.29 -24.68 8.74
C2 BMA C . -40.48 -24.57 7.41
C3 BMA C . -40.05 -23.13 7.25
C4 BMA C . -41.29 -22.21 7.23
C5 BMA C . -42.13 -22.43 8.51
C6 BMA C . -43.43 -21.65 8.49
O2 BMA C . -41.31 -24.85 6.29
O3 BMA C . -39.26 -22.94 6.08
O4 BMA C . -40.88 -20.86 7.15
O5 BMA C . -42.44 -23.83 8.64
O6 BMA C . -44.16 -21.96 9.67
H4 BMA C . -41.91 -22.50 6.36
H5 BMA C . -41.54 -22.09 9.38
H61 BMA C . -43.99 -21.93 7.58
H62 BMA C . -43.17 -20.58 8.42
HO4 BMA C . -40.31 -20.82 6.36
HO6 BMA C . -44.14 -22.91 9.78
C1 MAN C . -38.07 -22.24 6.45
C2 MAN C . -37.17 -22.17 5.20
C3 MAN C . -36.66 -23.56 4.84
C4 MAN C . -35.98 -24.21 6.05
C5 MAN C . -36.94 -24.24 7.25
C6 MAN C . -36.29 -24.79 8.51
O2 MAN C . -36.00 -21.38 5.43
O3 MAN C . -35.77 -23.53 3.73
O4 MAN C . -35.60 -25.55 5.73
O5 MAN C . -37.40 -22.90 7.52
O6 MAN C . -37.21 -24.60 9.59
H4 MAN C . -35.10 -23.61 6.33
H5 MAN C . -37.80 -24.88 6.99
H61 MAN C . -35.36 -24.24 8.68
H62 MAN C . -36.06 -25.85 8.34
HO4 MAN C . -35.47 -25.54 4.77
HO6 MAN C . -38.10 -24.73 9.24
C1 FUC C . -39.32 -31.84 11.13
C2 FUC C . -40.68 -31.57 11.80
C3 FUC C . -41.06 -32.71 12.75
C4 FUC C . -39.93 -32.96 13.75
C5 FUC C . -38.60 -33.17 13.01
C6 FUC C . -37.40 -33.26 13.95
O2 FUC C . -41.72 -31.32 10.86
O3 FUC C . -42.23 -32.37 13.49
O4 FUC C . -39.83 -31.87 14.64
O5 FUC C . -38.32 -32.09 12.10
H5 FUC C . -38.70 -34.10 12.43
H61 FUC C . -36.49 -33.39 13.38
H62 FUC C . -37.53 -34.10 14.63
H63 FUC C . -37.32 -32.34 14.53
C1 NAG D . -23.87 -30.36 -4.70
C2 NAG D . -24.68 -29.29 -5.42
C3 NAG D . -25.91 -29.92 -6.06
C4 NAG D . -25.52 -31.08 -6.95
C5 NAG D . -24.64 -32.07 -6.19
C6 NAG D . -24.09 -33.17 -7.07
C7 NAG D . -25.74 -28.42 -3.38
C8 NAG D . -26.04 -27.20 -2.57
N2 NAG D . -25.05 -28.22 -4.51
O3 NAG D . -26.60 -28.93 -6.83
O4 NAG D . -26.68 -31.76 -7.42
O5 NAG D . -23.51 -31.40 -5.62
O6 NAG D . -23.00 -32.71 -7.85
O7 NAG D . -26.09 -29.54 -3.02
H3 NAG D . -26.50 -30.24 -5.36
H4 NAG D . -25.02 -30.74 -7.73
H5 NAG D . -25.17 -32.47 -5.47
H61 NAG D . -24.79 -33.50 -7.66
H62 NAG D . -23.78 -33.91 -6.49
H81 NAG D . -26.53 -27.45 -1.77
H82 NAG D . -26.58 -26.58 -3.10
H83 NAG D . -25.20 -26.76 -2.31
HN2 NAG D . -24.83 -27.36 -4.74
HO3 NAG D . -27.30 -29.31 -7.23
HO6 NAG D . -22.71 -31.93 -7.53
C1 NAG D . -26.88 -31.49 -8.82
C2 NAG D . -27.55 -32.71 -9.46
C3 NAG D . -27.84 -32.44 -10.93
C4 NAG D . -28.62 -31.14 -11.10
C5 NAG D . -27.90 -29.99 -10.40
C6 NAG D . -28.68 -28.70 -10.42
C7 NAG D . -27.05 -34.89 -8.47
C8 NAG D . -26.10 -36.05 -8.45
N2 NAG D . -26.73 -33.90 -9.31
O3 NAG D . -28.57 -33.52 -11.48
O4 NAG D . -28.77 -30.83 -12.48
O5 NAG D . -27.68 -30.33 -9.01
O6 NAG D . -29.73 -28.72 -9.47
O7 NAG D . -28.05 -34.87 -7.77
H3 NAG D . -26.99 -32.35 -11.41
H4 NAG D . -29.51 -31.25 -10.69
H5 NAG D . -27.03 -29.85 -10.83
H61 NAG D . -29.06 -28.57 -11.30
H62 NAG D . -28.08 -27.96 -10.22
H81 NAG D . -26.40 -36.72 -7.79
H82 NAG D . -25.20 -35.73 -8.20
H83 NAG D . -26.06 -36.46 -9.33
HN2 NAG D . -25.98 -33.97 -9.81
HO3 NAG D . -29.00 -33.25 -12.21
HO4 NAG D . -29.61 -30.59 -12.63
HO6 NAG D . -29.53 -29.28 -8.80
C1 NAG E . -22.48 -1.65 13.32
C2 NAG E . -22.73 -0.46 14.25
C3 NAG E . -22.99 -0.95 15.67
C4 NAG E . -24.13 -1.97 15.68
C5 NAG E . -23.83 -3.10 14.68
C6 NAG E . -24.96 -4.08 14.55
C7 NAG E . -21.62 1.62 13.55
C8 NAG E . -20.37 2.44 13.65
N2 NAG E . -21.61 0.46 14.23
O3 NAG E . -23.34 0.16 16.50
O4 NAG E . -24.27 -2.52 16.98
O5 NAG E . -23.59 -2.54 13.38
O6 NAG E . -25.83 -3.71 13.49
O7 NAG E . -22.59 1.97 12.90
H3 NAG E . -22.19 -1.37 16.03
H4 NAG E . -24.95 -1.53 15.41
H5 NAG E . -23.02 -3.58 14.98
H61 NAG E . -25.47 -4.10 15.38
H62 NAG E . -24.59 -4.96 14.36
H81 NAG E . -20.47 3.24 13.10
H82 NAG E . -19.61 1.93 13.34
H83 NAG E . -20.23 2.72 14.58
HN2 NAG E . -20.85 0.25 14.71
HO3 NAG E . -24.17 0.05 16.79
HO6 NAG E . -25.41 -3.16 12.93
C1 NAG E . -25.56 -2.17 17.51
C2 NAG E . -25.58 -2.55 18.99
C3 NAG E . -26.92 -2.16 19.61
C4 NAG E . -27.22 -0.69 19.36
C5 NAG E . -27.12 -0.38 17.86
C6 NAG E . -27.29 1.09 17.56
C7 NAG E . -24.09 -4.47 19.24
C8 NAG E . -24.00 -5.96 19.43
N2 NAG E . -25.32 -3.96 19.18
O3 NAG E . -26.89 -2.41 21.02
O4 NAG E . -28.54 -0.38 19.81
O5 NAG E . -25.83 -0.77 17.37
O6 NAG E . -28.47 1.34 16.81
O7 NAG E . -23.09 -3.76 19.16
H3 NAG E . -27.63 -2.71 19.21
H4 NAG E . -26.58 -0.14 19.84
H5 NAG E . -27.81 -0.88 17.39
H61 NAG E . -26.52 1.39 17.04
H62 NAG E . -27.33 1.60 18.40
H81 NAG E . -23.06 -6.22 19.47
H82 NAG E . -24.44 -6.40 18.69
H83 NAG E . -24.43 -6.20 20.27
HN2 NAG E . -26.03 -4.54 19.25
HO3 NAG E . -27.66 -2.15 21.38
HO4 NAG E . -28.60 0.50 19.94
HO6 NAG E . -28.47 2.18 16.53
C1 NAG F . -29.54 8.36 -4.28
C2 NAG F . -28.67 9.61 -4.54
C3 NAG F . -29.56 10.80 -4.87
C4 NAG F . -30.49 10.46 -6.04
C5 NAG F . -31.28 9.19 -5.73
C6 NAG F . -32.11 8.73 -6.90
C7 NAG F . -26.58 10.36 -3.48
C8 NAG F . -26.06 10.53 -4.87
N2 NAG F . -27.84 9.91 -3.38
O3 NAG F . -28.76 11.93 -5.19
O4 NAG F . -31.39 11.54 -6.27
O5 NAG F . -30.37 8.12 -5.42
O6 NAG F . -32.59 7.41 -6.71
O7 NAG F . -25.90 10.61 -2.49
H3 NAG F . -30.12 11.02 -4.09
H4 NAG F . -29.94 10.32 -6.84
H5 NAG F . -31.87 9.36 -4.97
H61 NAG F . -31.57 8.76 -7.71
H62 NAG F . -32.88 9.33 -7.01
H81 NAG F . -25.12 10.83 -4.83
H82 NAG F . -26.58 11.19 -5.35
H83 NAG F . -26.09 9.67 -5.35
HN2 NAG F . -28.20 9.79 -2.54
HO3 NAG F . -29.30 12.63 -5.38
HO4 NAG F . -31.95 11.32 -6.92
HO6 NAG F . -31.92 6.88 -6.50
CAA Y01 G . 15.82 6.45 11.35
CBA Y01 G . 16.60 5.28 11.95
CAB Y01 G . 17.19 5.69 13.30
CAN Y01 G . 15.74 4.03 12.12
CAJ Y01 G . 15.29 3.41 10.80
CAO Y01 G . 14.46 2.13 10.99
CBB Y01 G . 14.16 1.40 9.67
CAC Y01 G . 15.45 0.80 9.13
CBE Y01 G . 13.02 0.35 9.78
CAP Y01 G . 11.82 0.82 10.63
CAQ Y01 G . 10.55 0.13 10.08
CBG Y01 G . 11.11 -0.84 9.04
CBI Y01 G . 12.36 -0.16 8.47
CAE Y01 G . 11.99 1.02 7.56
CAU Y01 G . 13.11 -1.24 7.70
CAS Y01 G . 12.24 -1.88 6.61
CBF Y01 G . 10.89 -2.42 7.12
CBD Y01 G . 10.15 -1.40 8.00
CAK Y01 G . 8.94 -2.06 8.67
CAI Y01 G . 8.24 -3.04 7.80
CAZ Y01 G . 8.69 -3.49 6.62
CAV Y01 G . 7.85 -4.43 5.81
CBH Y01 G . 9.98 -3.00 5.99
CAD Y01 G . 9.65 -1.96 4.92
CAT Y01 G . 10.72 -4.20 5.35
CAR Y01 G . 9.85 -5.16 4.53
CBC Y01 G . 8.67 -5.62 5.36
OAW Y01 G . 7.89 -6.52 4.55
CAY Y01 G . 6.95 -7.26 5.14
OAG Y01 G . 6.86 -7.39 6.34
CAM Y01 G . 6.04 -7.90 4.14
CAL Y01 G . 4.96 -8.75 4.78
CAX Y01 G . 3.89 -9.30 3.81
OAH Y01 G . 4.31 -10.11 2.96
OAF Y01 G . 2.72 -8.91 3.95
HAA1 Y01 G . 14.96 6.57 11.77
HAA2 Y01 G . 15.67 6.29 10.40
HAA3 Y01 G . 16.31 7.29 11.44
HBA Y01 G . 17.33 5.06 11.36
HAB1 Y01 G . 17.76 6.48 13.20
HAB2 Y01 G . 16.49 5.91 13.94
HAB3 Y01 G . 17.73 4.98 13.68
HAN1 Y01 G . 14.96 4.25 12.64
HAN2 Y01 G . 16.23 3.37 12.62
HAJ1 Y01 G . 14.75 4.04 10.30
HAJ2 Y01 G . 16.07 3.23 10.25
HAO1 Y01 G . 13.65 2.35 11.45
HAO2 Y01 G . 14.96 1.55 11.58
HBB Y01 G . 13.87 2.08 9.03
HAC1 Y01 G . 15.73 1.21 8.29
HAC2 Y01 G . 15.35 -0.15 8.95
HAC3 Y01 G . 16.18 0.90 9.76
HBE Y01 G . 13.41 -0.43 10.21
HAP1 Y01 G . 11.72 1.78 10.58
HAP2 Y01 G . 11.96 0.59 11.56
HAQ1 Y01 G . 9.93 0.75 9.69
HAQ2 Y01 G . 10.08 -0.35 10.77
HBG Y01 G . 11.43 -1.62 9.53
HBD Y01 G . 9.82 -0.67 7.44
HAE1 Y01 G . 12.78 1.44 7.19
HAE2 Y01 G . 11.44 0.75 6.80
HAE3 Y01 G . 11.50 1.71 8.03
HAU1 Y01 G . 13.91 -0.90 7.28
HAU2 Y01 G . 13.40 -1.92 8.32
HAS1 Y01 G . 12.08 -1.23 5.91
HAS2 Y01 G . 12.73 -2.59 6.20
HBF Y01 G . 11.10 -3.17 7.71
HAK1 Y01 G . 9.22 -2.50 9.49
HAK2 Y01 G . 8.32 -1.37 8.95
HAI Y01 G . 7.42 -3.35 8.10
HAV1 Y01 G . 7.47 -3.97 5.04
HAV2 Y01 G . 7.10 -4.76 6.33
HBC Y01 G . 9.00 -6.10 6.14
HAD1 Y01 G . 9.40 -1.10 5.31
HAD2 Y01 G . 10.40 -1.78 4.34
HAD3 Y01 G . 8.91 -2.26 4.36
HAT1 Y01 G . 11.18 -4.71 6.04
HAT2 Y01 G . 11.41 -3.85 4.77
HAR1 Y01 G . 9.52 -4.72 3.72
HAR2 Y01 G . 10.38 -5.91 4.25
HAM1 Y01 G . 5.64 -7.19 3.61
HAM2 Y01 G . 6.56 -8.42 3.52
HAL1 Y01 G . 4.49 -8.25 5.47
HAL2 Y01 G . 5.36 -9.51 5.24
#